data_2C97
#
_entry.id   2C97
#
_cell.length_a   131.640
_cell.length_b   82.244
_cell.length_c   86.346
_cell.angle_alpha   90.00
_cell.angle_beta   120.53
_cell.angle_gamma   90.00
#
_symmetry.space_group_name_H-M   'C 1 2 1'
#
loop_
_entity.id
_entity.type
_entity.pdbx_description
1 polymer '6,7-DIMETHYL-8-RIBITYLLUMAZINE SYNTHASE'
2 non-polymer '4-(6-CHLORO-2,4-DIOXO-1,2,3,4-TETRAHYDROPYRIMIDIN-5-YL) BUTYL PHOSPHATE'
3 non-polymer 'POTASSIUM ION'
4 non-polymer 'ACETATE ION'
5 non-polymer (4S)-2-METHYL-2,4-PENTANEDIOL
6 non-polymer 'DITHIANE DIOL'
7 water water
#
_entity_poly.entity_id   1
_entity_poly.type   'polypeptide(L)'
_entity_poly.pdbx_seq_one_letter_code
;MKGGAGVPDLPSLDASGVRLAIVASSWHGKICDALLDGARKVAAGCGLDDPTVVRVLGAIEIPVVAQELARNHDAVVALG
VVIRGQTPHFDYVCDAVTQGLTRVSLDSSTPIANGVLTTNTEEQALDRAGLPTSAEDKGAQATVAALATALTLRELRAHS
;
_entity_poly.pdbx_strand_id   A,B,C,D,E
#
# COMPACT_ATOMS: atom_id res chain seq x y z
N ASP A 14 -21.81 -11.42 28.58
CA ASP A 14 -21.58 -11.45 27.10
C ASP A 14 -20.25 -12.15 26.75
N ALA A 15 -20.09 -12.50 25.46
CA ALA A 15 -18.79 -12.86 24.83
C ALA A 15 -18.18 -14.25 25.11
N SER A 16 -18.76 -15.02 26.02
CA SER A 16 -18.17 -16.31 26.42
C SER A 16 -17.92 -17.37 25.33
N GLY A 17 -18.65 -17.34 24.23
CA GLY A 17 -18.37 -18.30 23.14
C GLY A 17 -17.29 -17.91 22.13
N VAL A 18 -16.78 -16.70 22.20
CA VAL A 18 -15.80 -16.19 21.25
C VAL A 18 -14.40 -16.80 21.42
N ARG A 19 -13.79 -17.25 20.33
CA ARG A 19 -12.44 -17.78 20.41
C ARG A 19 -11.44 -16.63 20.18
N LEU A 20 -10.79 -16.20 21.25
CA LEU A 20 -9.90 -15.04 21.19
C LEU A 20 -8.42 -15.43 21.18
N ALA A 21 -7.64 -14.79 20.29
CA ALA A 21 -6.20 -14.90 20.33
C ALA A 21 -5.54 -13.53 20.59
N ILE A 22 -4.41 -13.53 21.30
CA ILE A 22 -3.69 -12.31 21.60
C ILE A 22 -2.23 -12.52 21.24
N VAL A 23 -1.74 -11.68 20.32
CA VAL A 23 -0.33 -11.69 19.96
C VAL A 23 0.33 -10.39 20.41
N ALA A 24 1.36 -10.53 21.23
CA ALA A 24 1.99 -9.39 21.88
C ALA A 24 3.50 -9.39 21.65
N SER A 25 4.05 -8.25 21.23
CA SER A 25 5.51 -8.16 21.07
C SER A 25 6.21 -7.90 22.41
N SER A 26 7.53 -7.75 22.37
CA SER A 26 8.35 -7.63 23.59
C SER A 26 9.37 -6.49 23.60
N TRP A 27 9.43 -5.71 22.51
CA TRP A 27 10.42 -4.63 22.30
C TRP A 27 10.59 -3.58 23.40
N HIS A 28 9.54 -3.32 24.18
CA HIS A 28 9.68 -2.49 25.38
C HIS A 28 8.92 -3.22 26.50
N GLY A 29 9.62 -4.18 27.11
CA GLY A 29 9.06 -5.09 28.13
C GLY A 29 7.94 -4.61 29.05
N LYS A 30 8.23 -3.63 29.89
CA LYS A 30 7.25 -3.13 30.84
C LYS A 30 5.95 -2.70 30.15
N ILE A 31 6.06 -1.95 29.06
CA ILE A 31 4.90 -1.49 28.32
C ILE A 31 4.09 -2.68 27.72
N CYS A 32 4.80 -3.57 27.02
CA CYS A 32 4.17 -4.72 26.37
C CYS A 32 3.44 -5.61 27.36
N ASP A 33 4.08 -5.90 28.47
CA ASP A 33 3.45 -6.73 29.49
C ASP A 33 2.18 -6.05 30.00
N ALA A 34 2.20 -4.72 30.13
CA ALA A 34 1.04 -3.98 30.61
C ALA A 34 -0.18 -4.02 29.65
N LEU A 35 0.06 -3.81 28.36
CA LEU A 35 -0.95 -4.02 27.31
C LEU A 35 -1.56 -5.42 27.37
N LEU A 36 -0.71 -6.43 27.48
CA LEU A 36 -1.15 -7.82 27.52
C LEU A 36 -2.04 -8.09 28.75
N ASP A 37 -1.66 -7.51 29.87
CA ASP A 37 -2.45 -7.62 31.09
C ASP A 37 -3.87 -7.05 30.92
N GLY A 38 -3.95 -5.90 30.25
CA GLY A 38 -5.23 -5.26 29.99
C GLY A 38 -6.11 -6.08 29.05
N ALA A 39 -5.51 -6.63 28.00
CA ALA A 39 -6.24 -7.45 27.06
C ALA A 39 -6.81 -8.66 27.80
N ARG A 40 -5.95 -9.31 28.60
CA ARG A 40 -6.32 -10.52 29.31
C ARG A 40 -7.39 -10.27 30.38
N LYS A 41 -7.30 -9.13 31.06
CA LYS A 41 -8.29 -8.80 32.09
C LYS A 41 -9.69 -8.53 31.52
N VAL A 42 -9.73 -7.97 30.31
CA VAL A 42 -10.98 -7.75 29.60
C VAL A 42 -11.56 -9.11 29.18
N ALA A 43 -10.72 -9.95 28.59
CA ALA A 43 -11.17 -11.29 28.21
C ALA A 43 -11.75 -12.04 29.40
N ALA A 44 -11.04 -12.03 30.53
CA ALA A 44 -11.53 -12.67 31.76
C ALA A 44 -12.85 -12.06 32.24
N GLY A 45 -12.98 -10.73 32.13
CA GLY A 45 -14.18 -10.02 32.54
C GLY A 45 -15.39 -10.41 31.71
N CYS A 46 -15.13 -10.83 30.48
CA CYS A 46 -16.18 -11.25 29.54
C CYS A 46 -16.36 -12.76 29.46
N GLY A 47 -15.87 -13.49 30.45
CA GLY A 47 -16.04 -14.95 30.49
C GLY A 47 -15.06 -15.77 29.66
N LEU A 48 -13.92 -15.16 29.31
CA LEU A 48 -12.83 -15.81 28.57
C LEU A 48 -11.54 -15.93 29.39
N ASP A 49 -11.39 -17.04 30.12
CA ASP A 49 -10.24 -17.25 31.00
C ASP A 49 -8.99 -17.73 30.28
N ASP A 50 -9.18 -18.28 29.08
CA ASP A 50 -8.11 -19.01 28.40
C ASP A 50 -7.93 -18.62 26.93
N PRO A 51 -7.76 -17.32 26.63
CA PRO A 51 -7.42 -17.00 25.25
C PRO A 51 -6.02 -17.50 24.83
N THR A 52 -5.80 -17.66 23.54
CA THR A 52 -4.49 -18.09 23.05
C THR A 52 -3.58 -16.86 23.11
N VAL A 53 -2.51 -16.97 23.90
CA VAL A 53 -1.54 -15.89 24.03
C VAL A 53 -0.20 -16.30 23.45
N VAL A 54 0.30 -15.51 22.50
CA VAL A 54 1.60 -15.73 21.88
C VAL A 54 2.48 -14.47 21.94
N ARG A 55 3.78 -14.65 22.21
CA ARG A 55 4.75 -13.55 22.28
C ARG A 55 5.68 -13.50 21.07
N VAL A 56 5.90 -12.32 20.53
CA VAL A 56 6.90 -12.11 19.46
C VAL A 56 7.90 -11.02 19.86
N LEU A 57 9.01 -10.92 19.15
CA LEU A 57 10.02 -9.93 19.52
C LEU A 57 9.50 -8.50 19.29
N GLY A 58 9.25 -8.15 18.02
CA GLY A 58 8.86 -6.79 17.68
C GLY A 58 7.60 -6.74 16.86
N ALA A 59 7.12 -5.52 16.63
CA ALA A 59 5.92 -5.27 15.82
C ALA A 59 5.97 -5.92 14.42
N ILE A 60 7.15 -5.98 13.81
CA ILE A 60 7.27 -6.50 12.46
C ILE A 60 6.92 -8.00 12.37
N GLU A 61 7.03 -8.70 13.49
CA GLU A 61 6.75 -10.13 13.56
C GLU A 61 5.26 -10.43 13.76
N ILE A 62 4.49 -9.43 14.20
CA ILE A 62 3.09 -9.64 14.54
C ILE A 62 2.21 -10.18 13.39
N PRO A 63 2.25 -9.55 12.20
CA PRO A 63 1.35 -9.97 11.11
C PRO A 63 1.43 -11.45 10.74
N VAL A 64 2.65 -11.98 10.55
CA VAL A 64 2.76 -13.38 10.15
C VAL A 64 2.23 -14.33 11.24
N VAL A 65 2.43 -13.95 12.51
CA VAL A 65 1.90 -14.74 13.62
C VAL A 65 0.37 -14.52 13.74
N ALA A 66 -0.06 -13.29 13.50
CA ALA A 66 -1.50 -12.96 13.48
C ALA A 66 -2.23 -13.79 12.42
N GLN A 67 -1.53 -14.01 11.30
CA GLN A 67 -2.07 -14.74 10.17
C GLN A 67 -2.28 -16.20 10.55
N GLU A 68 -1.33 -16.77 11.30
CA GLU A 68 -1.47 -18.15 11.72
C GLU A 68 -2.65 -18.32 12.69
N LEU A 69 -2.70 -17.42 13.67
CA LEU A 69 -3.74 -17.40 14.70
C LEU A 69 -5.14 -17.21 14.16
N ALA A 70 -5.28 -16.37 13.14
CA ALA A 70 -6.56 -16.07 12.53
C ALA A 70 -7.17 -17.30 11.88
N ARG A 71 -6.39 -18.35 11.66
CA ARG A 71 -6.99 -19.52 11.02
C ARG A 71 -7.97 -20.23 11.96
N ASN A 72 -7.79 -20.11 13.28
CA ASN A 72 -8.66 -20.86 14.20
C ASN A 72 -9.15 -20.05 15.42
N HIS A 73 -9.38 -18.76 15.21
CA HIS A 73 -9.90 -17.89 16.24
C HIS A 73 -10.93 -16.94 15.60
N ASP A 74 -11.87 -16.45 16.39
CA ASP A 74 -12.84 -15.49 15.91
C ASP A 74 -12.31 -14.08 15.84
N ALA A 75 -11.25 -13.83 16.60
CA ALA A 75 -10.63 -12.49 16.69
C ALA A 75 -9.18 -12.58 17.19
N VAL A 76 -8.33 -11.68 16.71
CA VAL A 76 -6.93 -11.60 17.20
C VAL A 76 -6.68 -10.18 17.68
N VAL A 77 -6.14 -10.05 18.88
CA VAL A 77 -5.71 -8.76 19.41
C VAL A 77 -4.20 -8.62 19.17
N ALA A 78 -3.80 -7.52 18.53
CA ALA A 78 -2.38 -7.26 18.26
C ALA A 78 -1.86 -6.19 19.20
N LEU A 79 -0.84 -6.55 19.97
CA LEU A 79 -0.29 -5.63 20.95
C LEU A 79 1.17 -5.45 20.67
N GLY A 80 1.59 -4.18 20.71
CA GLY A 80 2.99 -3.81 20.59
C GLY A 80 3.20 -2.33 20.85
N VAL A 81 4.46 -1.93 20.76
CA VAL A 81 4.92 -0.58 21.08
C VAL A 81 6.04 -0.24 20.10
N VAL A 82 5.78 0.78 19.30
CA VAL A 82 6.80 1.35 18.43
C VAL A 82 6.95 2.81 18.86
N ILE A 83 8.17 3.19 19.25
CA ILE A 83 8.44 4.56 19.68
C ILE A 83 9.51 5.13 18.75
N ARG A 84 9.30 6.37 18.31
CA ARG A 84 10.18 7.00 17.30
C ARG A 84 11.60 7.16 17.85
N GLY A 85 12.61 6.80 17.06
CA GLY A 85 14.02 7.06 17.41
C GLY A 85 14.62 8.22 16.62
N GLN A 86 15.90 8.12 16.30
CA GLN A 86 16.63 9.20 15.63
C GLN A 86 16.51 9.19 14.09
N THR A 87 15.96 8.12 13.53
CA THR A 87 15.94 7.94 12.07
C THR A 87 14.49 7.84 11.54
N PRO A 88 14.32 7.81 10.20
CA PRO A 88 13.02 7.53 9.59
C PRO A 88 12.49 6.11 9.86
N HIS A 89 13.29 5.24 10.45
CA HIS A 89 12.92 3.83 10.64
C HIS A 89 11.52 3.59 11.22
N PHE A 90 11.16 4.36 12.24
CA PHE A 90 9.84 4.33 12.85
C PHE A 90 8.71 4.38 11.80
N ASP A 91 8.85 5.24 10.79
CA ASP A 91 7.83 5.37 9.73
C ASP A 91 7.61 4.05 9.00
N TYR A 92 8.70 3.39 8.68
CA TYR A 92 8.63 2.16 7.90
C TYR A 92 8.17 0.97 8.72
N VAL A 93 8.52 0.97 10.01
CA VAL A 93 8.05 -0.06 10.92
C VAL A 93 6.54 0.06 11.06
N CYS A 94 6.03 1.27 11.25
CA CYS A 94 4.60 1.47 11.39
C CYS A 94 3.81 1.18 10.10
N ASP A 95 4.39 1.52 8.94
CA ASP A 95 3.82 1.16 7.63
C ASP A 95 3.73 -0.35 7.45
N ALA A 96 4.82 -1.08 7.73
CA ALA A 96 4.82 -2.55 7.58
C ALA A 96 3.70 -3.17 8.41
N VAL A 97 3.58 -2.75 9.68
CA VAL A 97 2.56 -3.30 10.56
C VAL A 97 1.16 -2.96 10.07
N THR A 98 0.95 -1.71 9.67
CA THR A 98 -0.35 -1.26 9.20
C THR A 98 -0.82 -2.10 8.00
N GLN A 99 0.05 -2.25 7.00
CA GLN A 99 -0.28 -2.99 5.80
C GLN A 99 -0.53 -4.46 6.10
N GLY A 100 0.28 -5.00 7.00
CA GLY A 100 0.27 -6.42 7.31
C GLY A 100 -1.00 -6.81 8.02
N LEU A 101 -1.31 -6.08 9.09
CA LEU A 101 -2.50 -6.39 9.89
C LEU A 101 -3.77 -6.22 9.05
N THR A 102 -3.82 -5.13 8.28
CA THR A 102 -4.90 -4.86 7.35
C THR A 102 -5.08 -5.99 6.31
N ARG A 103 -3.98 -6.44 5.70
CA ARG A 103 -4.09 -7.55 4.78
C ARG A 103 -4.58 -8.83 5.50
N VAL A 104 -3.99 -9.13 6.64
CA VAL A 104 -4.34 -10.33 7.41
C VAL A 104 -5.84 -10.36 7.75
N SER A 105 -6.40 -9.24 8.23
CA SER A 105 -7.80 -9.22 8.63
C SER A 105 -8.74 -9.48 7.45
N LEU A 106 -8.38 -8.97 6.28
CA LEU A 106 -9.22 -9.18 5.10
C LEU A 106 -9.03 -10.54 4.38
N ASP A 107 -7.78 -11.03 4.30
CA ASP A 107 -7.53 -12.40 3.83
C ASP A 107 -8.27 -13.44 4.67
N SER A 108 -8.33 -13.26 5.98
CA SER A 108 -8.97 -14.22 6.87
C SER A 108 -10.41 -13.85 7.29
N SER A 109 -10.92 -12.69 6.86
CA SER A 109 -12.25 -12.21 7.28
C SER A 109 -12.43 -12.26 8.82
N THR A 110 -11.42 -11.78 9.52
CA THR A 110 -11.34 -11.89 10.95
C THR A 110 -10.84 -10.58 11.52
N PRO A 111 -11.55 -10.02 12.52
CA PRO A 111 -11.09 -8.81 13.20
C PRO A 111 -9.67 -8.97 13.77
N ILE A 112 -8.80 -8.02 13.43
CA ILE A 112 -7.48 -7.94 14.03
C ILE A 112 -7.48 -6.60 14.74
N ALA A 113 -7.64 -6.63 16.06
CA ALA A 113 -7.82 -5.40 16.82
C ALA A 113 -6.50 -4.65 17.03
N ASN A 114 -6.58 -3.33 16.95
CA ASN A 114 -5.41 -2.47 17.00
C ASN A 114 -5.03 -2.09 18.43
N GLY A 115 -4.01 -2.76 18.98
CA GLY A 115 -3.42 -2.34 20.23
C GLY A 115 -1.93 -2.13 20.09
N VAL A 116 -1.49 -1.70 18.92
CA VAL A 116 -0.08 -1.43 18.69
C VAL A 116 0.12 0.06 18.88
N LEU A 117 0.83 0.42 19.96
CA LEU A 117 1.16 1.83 20.21
C LEU A 117 2.22 2.31 19.23
N THR A 118 1.97 3.50 18.69
CA THR A 118 2.87 4.16 17.75
C THR A 118 3.09 5.57 18.26
N THR A 119 4.14 5.78 19.04
CA THR A 119 4.33 7.05 19.74
C THR A 119 5.64 7.79 19.40
N ASN A 120 5.66 9.09 19.63
CA ASN A 120 6.89 9.86 19.54
C ASN A 120 7.78 9.65 20.78
N THR A 121 7.16 9.48 21.94
CA THR A 121 7.92 9.31 23.19
C THR A 121 7.56 8.08 24.01
N GLU A 122 8.47 7.73 24.91
CA GLU A 122 8.25 6.64 25.84
C GLU A 122 7.15 7.06 26.84
N GLU A 123 7.15 8.34 27.23
CA GLU A 123 6.12 8.92 28.12
C GLU A 123 4.70 8.66 27.61
N GLN A 124 4.48 8.98 26.33
CA GLN A 124 3.22 8.79 25.65
C GLN A 124 2.76 7.33 25.61
N ALA A 125 3.70 6.42 25.36
CA ALA A 125 3.40 5.00 25.32
C ALA A 125 3.05 4.49 26.72
N LEU A 126 3.85 4.89 27.71
CA LEU A 126 3.55 4.59 29.10
C LEU A 126 2.13 5.03 29.45
N ASP A 127 1.76 6.23 28.99
CA ASP A 127 0.47 6.82 29.32
C ASP A 127 -0.76 6.12 28.70
N ARG A 128 -0.48 5.22 27.76
CA ARG A 128 -1.50 4.54 26.98
C ARG A 128 -1.50 3.02 27.15
N ALA A 129 -0.76 2.51 28.13
CA ALA A 129 -0.56 1.07 28.30
C ALA A 129 -1.30 0.53 29.52
N GLY A 130 -1.97 1.41 30.22
CA GLY A 130 -2.76 1.03 31.37
C GLY A 130 -1.92 0.54 32.52
N LEU A 131 -0.77 1.19 32.71
CA LEU A 131 -0.01 1.04 33.93
C LEU A 131 -0.71 1.87 35.01
N PRO A 132 -0.35 1.64 36.30
CA PRO A 132 -1.10 2.31 37.37
C PRO A 132 -1.47 3.79 37.10
N THR A 133 -0.51 4.61 36.69
CA THR A 133 -0.77 6.05 36.48
C THR A 133 -1.08 6.44 35.03
N SER A 134 -1.29 5.46 34.16
CA SER A 134 -1.63 5.74 32.76
C SER A 134 -2.99 6.42 32.62
N ALA A 135 -3.12 7.28 31.61
CA ALA A 135 -4.37 7.94 31.27
C ALA A 135 -5.37 6.95 30.67
N GLU A 136 -4.87 6.01 29.86
CA GLU A 136 -5.72 4.98 29.26
C GLU A 136 -5.05 3.62 29.04
N ASP A 137 -5.81 2.65 28.53
CA ASP A 137 -5.29 1.29 28.27
C ASP A 137 -5.67 0.75 26.88
N LYS A 138 -4.73 0.84 25.95
CA LYS A 138 -5.01 0.38 24.60
C LYS A 138 -5.21 -1.13 24.50
N GLY A 139 -4.55 -1.88 25.38
CA GLY A 139 -4.72 -3.35 25.44
C GLY A 139 -6.16 -3.75 25.76
N ALA A 140 -6.72 -3.14 26.80
CA ALA A 140 -8.13 -3.30 27.14
C ALA A 140 -9.09 -2.83 26.02
N GLN A 141 -8.78 -1.67 25.43
CA GLN A 141 -9.63 -1.10 24.36
C GLN A 141 -9.66 -1.99 23.12
N ALA A 142 -8.48 -2.46 22.72
CA ALA A 142 -8.34 -3.33 21.57
C ALA A 142 -9.07 -4.65 21.79
N THR A 143 -9.13 -5.14 23.02
CA THR A 143 -9.85 -6.37 23.29
C THR A 143 -11.36 -6.17 23.24
N VAL A 144 -11.84 -5.03 23.73
CA VAL A 144 -13.26 -4.69 23.58
C VAL A 144 -13.65 -4.67 22.09
N ALA A 145 -12.78 -4.11 21.25
CA ALA A 145 -13.05 -4.03 19.81
C ALA A 145 -13.08 -5.41 19.16
N ALA A 146 -12.11 -6.26 19.50
CA ALA A 146 -12.05 -7.62 18.96
C ALA A 146 -13.30 -8.42 19.32
N LEU A 147 -13.67 -8.42 20.60
CA LEU A 147 -14.83 -9.18 21.06
C LEU A 147 -16.15 -8.68 20.44
N ALA A 148 -16.38 -7.37 20.49
CA ALA A 148 -17.59 -6.77 19.92
C ALA A 148 -17.74 -7.06 18.39
N THR A 149 -16.65 -6.98 17.63
CA THR A 149 -16.67 -7.19 16.18
C THR A 149 -16.91 -8.67 15.84
N ALA A 150 -16.26 -9.55 16.60
CA ALA A 150 -16.50 -10.99 16.50
C ALA A 150 -17.98 -11.30 16.72
N LEU A 151 -18.59 -10.72 17.75
CA LEU A 151 -20.00 -10.97 18.07
C LEU A 151 -20.93 -10.45 16.97
N THR A 152 -20.61 -9.25 16.45
CA THR A 152 -21.32 -8.66 15.33
C THR A 152 -21.27 -9.56 14.10
N LEU A 153 -20.07 -10.02 13.75
CA LEU A 153 -19.89 -10.93 12.61
C LEU A 153 -20.64 -12.27 12.75
N ARG A 154 -20.70 -12.78 13.98
CA ARG A 154 -21.46 -13.99 14.31
C ARG A 154 -22.95 -13.78 14.00
N GLU A 155 -23.44 -12.59 14.34
CA GLU A 155 -24.80 -12.19 14.10
C GLU A 155 -25.05 -12.03 12.59
N LEU A 156 -24.12 -11.40 11.89
CA LEU A 156 -24.30 -11.15 10.46
C LEU A 156 -24.24 -12.44 9.62
N ARG A 157 -23.47 -13.43 10.06
CA ARG A 157 -23.23 -14.61 9.23
C ARG A 157 -24.30 -15.68 9.41
N ALA A 158 -24.10 -16.82 8.73
CA ALA A 158 -25.10 -17.87 8.61
C ALA A 158 -25.44 -18.60 9.90
N HIS A 159 -26.73 -18.58 10.22
CA HIS A 159 -27.37 -19.34 11.29
C HIS A 159 -28.89 -19.40 11.02
N SER A 160 -29.59 -20.36 11.61
CA SER A 160 -31.02 -20.55 11.33
C SER A 160 -31.81 -20.80 12.61
N ASP B 14 16.82 -23.13 21.74
CA ASP B 14 17.79 -23.16 20.60
C ASP B 14 17.10 -23.56 19.29
N ALA B 15 17.71 -23.16 18.18
CA ALA B 15 17.07 -23.25 16.88
C ALA B 15 17.81 -24.17 15.91
N SER B 16 18.41 -25.25 16.41
CA SER B 16 19.27 -26.10 15.55
C SER B 16 18.54 -26.79 14.39
N GLY B 17 17.21 -26.80 14.44
CA GLY B 17 16.43 -27.39 13.37
C GLY B 17 15.87 -26.42 12.35
N VAL B 18 15.88 -25.11 12.64
CA VAL B 18 15.27 -24.17 11.70
C VAL B 18 16.18 -23.88 10.50
N ARG B 19 15.56 -23.72 9.33
CA ARG B 19 16.28 -23.43 8.10
C ARG B 19 16.27 -21.94 7.83
N LEU B 20 17.44 -21.34 7.99
CA LEU B 20 17.59 -19.89 7.92
C LEU B 20 18.21 -19.46 6.60
N ALA B 21 17.66 -18.41 6.02
CA ALA B 21 18.27 -17.74 4.87
C ALA B 21 18.49 -16.29 5.21
N ILE B 22 19.57 -15.75 4.67
CA ILE B 22 19.94 -14.35 4.87
C ILE B 22 20.23 -13.78 3.52
N VAL B 23 19.60 -12.66 3.21
CA VAL B 23 19.91 -11.95 2.00
C VAL B 23 20.36 -10.53 2.36
N ALA B 24 21.55 -10.19 1.91
CA ALA B 24 22.21 -8.94 2.26
C ALA B 24 22.53 -8.18 0.99
N SER B 25 22.19 -6.88 0.97
CA SER B 25 22.53 -6.07 -0.18
C SER B 25 23.99 -5.62 -0.05
N SER B 26 24.49 -4.81 -1.00
CA SER B 26 25.95 -4.52 -1.05
C SER B 26 26.30 -3.03 -1.21
N TRP B 27 25.28 -2.24 -1.54
CA TRP B 27 25.35 -0.78 -1.53
C TRP B 27 25.73 -0.36 -0.11
N HIS B 28 26.90 0.28 0.02
CA HIS B 28 27.55 0.56 1.31
C HIS B 28 28.17 -0.71 1.94
N GLY B 29 29.07 -1.36 1.19
CA GLY B 29 29.73 -2.61 1.61
C GLY B 29 30.10 -2.84 3.07
N LYS B 30 30.88 -1.92 3.65
CA LYS B 30 31.35 -2.05 5.03
C LYS B 30 30.23 -2.28 6.05
N ILE B 31 29.19 -1.44 6.03
CA ILE B 31 28.07 -1.59 6.94
C ILE B 31 27.33 -2.93 6.70
N CYS B 32 27.18 -3.31 5.43
CA CYS B 32 26.50 -4.54 5.04
C CYS B 32 27.19 -5.80 5.52
N ASP B 33 28.50 -5.85 5.34
CA ASP B 33 29.30 -6.95 5.86
C ASP B 33 29.17 -7.05 7.39
N ALA B 34 29.10 -5.89 8.05
CA ALA B 34 28.97 -5.87 9.49
C ALA B 34 27.61 -6.40 9.92
N LEU B 35 26.55 -6.00 9.23
CA LEU B 35 25.22 -6.56 9.52
C LEU B 35 25.21 -8.09 9.36
N LEU B 36 25.83 -8.57 8.28
CA LEU B 36 25.89 -9.99 7.96
C LEU B 36 26.63 -10.76 9.06
N ASP B 37 27.73 -10.18 9.53
CA ASP B 37 28.51 -10.71 10.63
C ASP B 37 27.65 -10.94 11.87
N GLY B 38 26.88 -9.91 12.23
CA GLY B 38 25.93 -9.97 13.34
C GLY B 38 24.93 -11.08 13.18
N ALA B 39 24.34 -11.17 11.99
CA ALA B 39 23.37 -12.20 11.66
C ALA B 39 23.95 -13.60 11.82
N ARG B 40 25.16 -13.79 11.28
CA ARG B 40 25.79 -15.10 11.27
C ARG B 40 26.18 -15.56 12.66
N LYS B 41 26.59 -14.63 13.51
CA LYS B 41 26.98 -14.93 14.88
C LYS B 41 25.78 -15.38 15.72
N VAL B 42 24.67 -14.64 15.65
CA VAL B 42 23.44 -15.07 16.30
C VAL B 42 23.03 -16.46 15.82
N ALA B 43 23.07 -16.66 14.50
CA ALA B 43 22.75 -17.96 13.93
C ALA B 43 23.64 -19.06 14.53
N ALA B 44 24.95 -18.82 14.58
CA ALA B 44 25.88 -19.85 15.06
C ALA B 44 25.72 -20.10 16.55
N GLY B 45 25.47 -19.03 17.31
CA GLY B 45 25.20 -19.13 18.75
C GLY B 45 23.97 -19.95 19.07
N CYS B 46 23.01 -19.99 18.13
CA CYS B 46 21.76 -20.74 18.28
C CYS B 46 21.78 -22.12 17.61
N GLY B 47 22.95 -22.54 17.18
CA GLY B 47 23.13 -23.88 16.64
C GLY B 47 23.14 -23.97 15.12
N LEU B 48 23.01 -22.84 14.44
CA LEU B 48 23.03 -22.79 12.96
C LEU B 48 24.35 -22.24 12.34
N ASP B 49 25.24 -23.16 11.96
CA ASP B 49 26.59 -22.80 11.44
C ASP B 49 26.65 -22.51 9.94
N ASP B 50 25.65 -22.98 9.18
CA ASP B 50 25.65 -22.71 7.75
C ASP B 50 24.26 -22.34 7.20
N PRO B 51 23.81 -21.11 7.49
CA PRO B 51 22.57 -20.64 6.88
C PRO B 51 22.81 -20.39 5.39
N THR B 52 21.73 -20.20 4.64
CA THR B 52 21.83 -19.82 3.23
C THR B 52 22.10 -18.33 3.16
N VAL B 53 23.23 -17.93 2.62
CA VAL B 53 23.53 -16.50 2.47
C VAL B 53 23.59 -16.14 0.99
N VAL B 54 22.85 -15.11 0.60
CA VAL B 54 22.85 -14.61 -0.77
C VAL B 54 23.06 -13.09 -0.76
N ARG B 55 23.91 -12.61 -1.68
CA ARG B 55 24.19 -11.18 -1.82
C ARG B 55 23.42 -10.60 -2.98
N VAL B 56 22.83 -9.43 -2.75
CA VAL B 56 22.20 -8.65 -3.82
C VAL B 56 22.84 -7.24 -3.89
N LEU B 57 22.61 -6.52 -4.99
CA LEU B 57 23.24 -5.19 -5.15
C LEU B 57 22.69 -4.17 -4.16
N GLY B 58 21.42 -3.80 -4.32
CA GLY B 58 20.81 -2.79 -3.48
C GLY B 58 19.55 -3.28 -2.83
N ALA B 59 19.00 -2.46 -1.95
CA ALA B 59 17.80 -2.82 -1.22
C ALA B 59 16.58 -3.16 -2.12
N ILE B 60 16.48 -2.55 -3.30
CA ILE B 60 15.36 -2.84 -4.17
C ILE B 60 15.37 -4.29 -4.67
N GLU B 61 16.54 -4.94 -4.63
CA GLU B 61 16.65 -6.34 -5.07
C GLU B 61 16.21 -7.36 -4.02
N ILE B 62 16.14 -6.94 -2.75
CA ILE B 62 15.87 -7.88 -1.68
C ILE B 62 14.55 -8.68 -1.78
N PRO B 63 13.41 -8.00 -2.04
CA PRO B 63 12.14 -8.75 -1.95
C PRO B 63 12.02 -9.90 -2.94
N VAL B 64 12.42 -9.67 -4.20
CA VAL B 64 12.38 -10.72 -5.20
C VAL B 64 13.28 -11.91 -4.84
N VAL B 65 14.44 -11.65 -4.23
CA VAL B 65 15.33 -12.74 -3.84
C VAL B 65 14.80 -13.40 -2.56
N ALA B 66 14.34 -12.57 -1.64
CA ALA B 66 13.73 -13.06 -0.41
C ALA B 66 12.52 -13.95 -0.74
N GLN B 67 11.77 -13.57 -1.77
CA GLN B 67 10.65 -14.40 -2.25
C GLN B 67 11.11 -15.82 -2.63
N GLU B 68 12.22 -15.91 -3.36
CA GLU B 68 12.73 -17.20 -3.77
C GLU B 68 13.19 -18.03 -2.56
N LEU B 69 13.85 -17.37 -1.61
CA LEU B 69 14.41 -18.02 -0.42
C LEU B 69 13.34 -18.54 0.53
N ALA B 70 12.22 -17.83 0.58
CA ALA B 70 11.10 -18.19 1.42
C ALA B 70 10.46 -19.52 1.01
N ARG B 71 10.62 -19.93 -0.25
CA ARG B 71 10.03 -21.19 -0.69
C ARG B 71 10.72 -22.42 -0.06
N ASN B 72 11.85 -22.20 0.64
CA ASN B 72 12.77 -23.31 0.96
C ASN B 72 13.41 -23.15 2.35
N HIS B 73 12.84 -22.27 3.16
CA HIS B 73 13.40 -21.90 4.46
C HIS B 73 12.30 -21.53 5.46
N ASP B 74 12.60 -21.62 6.75
CA ASP B 74 11.61 -21.26 7.76
C ASP B 74 11.64 -19.77 8.10
N ALA B 75 12.72 -19.10 7.72
CA ALA B 75 12.91 -17.69 8.03
C ALA B 75 13.93 -17.06 7.08
N VAL B 76 13.63 -15.83 6.66
CA VAL B 76 14.55 -15.07 5.84
C VAL B 76 14.90 -13.81 6.60
N VAL B 77 16.19 -13.52 6.71
CA VAL B 77 16.68 -12.27 7.32
C VAL B 77 17.10 -11.34 6.17
N ALA B 78 16.46 -10.16 6.13
CA ALA B 78 16.77 -9.14 5.12
C ALA B 78 17.74 -8.13 5.68
N LEU B 79 18.90 -7.97 5.02
CA LEU B 79 19.91 -7.03 5.49
C LEU B 79 20.20 -6.02 4.40
N GLY B 80 20.36 -4.75 4.80
CA GLY B 80 20.69 -3.68 3.86
C GLY B 80 20.80 -2.32 4.51
N VAL B 81 21.21 -1.33 3.73
CA VAL B 81 21.45 0.01 4.22
C VAL B 81 20.91 1.01 3.21
N VAL B 82 19.90 1.79 3.61
CA VAL B 82 19.43 2.87 2.78
C VAL B 82 19.66 4.16 3.54
N ILE B 83 20.51 5.03 2.96
CA ILE B 83 20.90 6.27 3.62
C ILE B 83 20.36 7.43 2.80
N ARG B 84 19.69 8.39 3.44
CA ARG B 84 19.07 9.53 2.70
C ARG B 84 20.10 10.37 1.90
N GLY B 85 19.73 10.75 0.69
CA GLY B 85 20.57 11.61 -0.13
C GLY B 85 19.96 12.99 -0.29
N GLN B 86 20.17 13.60 -1.46
CA GLN B 86 19.70 14.95 -1.77
C GLN B 86 18.23 15.00 -2.22
N THR B 87 17.69 13.87 -2.67
CA THR B 87 16.37 13.85 -3.32
C THR B 87 15.31 13.06 -2.50
N PRO B 88 14.02 13.16 -2.86
CA PRO B 88 12.97 12.34 -2.23
C PRO B 88 13.20 10.84 -2.43
N HIS B 89 14.17 10.48 -3.27
CA HIS B 89 14.39 9.09 -3.67
C HIS B 89 14.40 8.05 -2.54
N PHE B 90 15.07 8.36 -1.44
CA PHE B 90 15.13 7.52 -0.23
C PHE B 90 13.74 7.04 0.21
N ASP B 91 12.76 7.94 0.15
CA ASP B 91 11.40 7.65 0.60
C ASP B 91 10.81 6.52 -0.21
N TYR B 92 10.98 6.59 -1.52
CA TYR B 92 10.41 5.61 -2.42
C TYR B 92 11.14 4.29 -2.42
N VAL B 93 12.46 4.31 -2.18
CA VAL B 93 13.21 3.06 -2.01
C VAL B 93 12.79 2.33 -0.72
N CYS B 94 12.59 3.09 0.34
CA CYS B 94 12.17 2.52 1.62
C CYS B 94 10.73 2.03 1.54
N ASP B 95 9.86 2.84 0.90
CA ASP B 95 8.51 2.42 0.57
C ASP B 95 8.50 1.08 -0.16
N ALA B 96 9.32 0.93 -1.21
CA ALA B 96 9.29 -0.30 -2.01
C ALA B 96 9.71 -1.54 -1.19
N VAL B 97 10.80 -1.43 -0.45
CA VAL B 97 11.30 -2.54 0.35
C VAL B 97 10.24 -2.91 1.39
N THR B 98 9.59 -1.89 1.98
CA THR B 98 8.56 -2.10 3.02
C THR B 98 7.37 -2.88 2.48
N GLN B 99 6.83 -2.45 1.34
CA GLN B 99 5.71 -3.14 0.73
C GLN B 99 6.07 -4.55 0.34
N GLY B 100 7.25 -4.72 -0.25
CA GLY B 100 7.69 -6.01 -0.80
C GLY B 100 7.85 -7.07 0.27
N LEU B 101 8.65 -6.76 1.28
CA LEU B 101 8.95 -7.72 2.34
C LEU B 101 7.69 -8.12 3.11
N THR B 102 6.79 -7.16 3.33
CA THR B 102 5.52 -7.42 3.97
C THR B 102 4.69 -8.36 3.11
N ARG B 103 4.70 -8.14 1.79
CA ARG B 103 3.98 -9.02 0.87
C ARG B 103 4.54 -10.42 0.88
N VAL B 104 5.87 -10.49 0.82
CA VAL B 104 6.57 -11.78 0.74
C VAL B 104 6.31 -12.59 2.01
N SER B 105 6.40 -11.96 3.18
CA SER B 105 6.17 -12.68 4.45
C SER B 105 4.79 -13.31 4.50
N LEU B 106 3.76 -12.55 4.15
CA LEU B 106 2.41 -13.07 4.22
C LEU B 106 2.02 -14.04 3.10
N ASP B 107 2.50 -13.78 1.87
CA ASP B 107 2.34 -14.70 0.73
C ASP B 107 2.92 -16.08 1.03
N SER B 108 4.09 -16.12 1.67
CA SER B 108 4.77 -17.37 1.99
C SER B 108 4.51 -17.87 3.42
N SER B 109 3.76 -17.08 4.22
CA SER B 109 3.55 -17.37 5.65
C SER B 109 4.89 -17.70 6.35
N THR B 110 5.90 -16.87 6.11
CA THR B 110 7.26 -17.08 6.57
C THR B 110 7.81 -15.76 7.12
N PRO B 111 8.45 -15.79 8.31
CA PRO B 111 9.05 -14.54 8.84
C PRO B 111 10.11 -13.97 7.90
N ILE B 112 9.95 -12.70 7.56
CA ILE B 112 11.02 -11.97 6.86
C ILE B 112 11.47 -10.90 7.82
N ALA B 113 12.62 -11.13 8.44
CA ALA B 113 13.09 -10.30 9.53
C ALA B 113 13.70 -8.98 9.03
N ASN B 114 13.43 -7.91 9.79
CA ASN B 114 13.85 -6.56 9.43
C ASN B 114 15.25 -6.15 9.91
N GLY B 115 16.24 -6.31 9.04
CA GLY B 115 17.59 -5.85 9.34
C GLY B 115 18.04 -4.79 8.34
N VAL B 116 17.08 -4.03 7.84
CA VAL B 116 17.31 -3.04 6.80
C VAL B 116 17.34 -1.64 7.39
N LEU B 117 18.53 -1.08 7.50
CA LEU B 117 18.70 0.28 8.02
C LEU B 117 18.16 1.31 7.07
N THR B 118 17.43 2.26 7.61
CA THR B 118 16.90 3.38 6.87
C THR B 118 17.29 4.63 7.67
N THR B 119 18.40 5.24 7.27
CA THR B 119 18.99 6.30 8.06
C THR B 119 19.11 7.65 7.34
N ASN B 120 19.36 8.71 8.11
CA ASN B 120 19.65 10.02 7.52
C ASN B 120 21.14 10.22 7.22
N THR B 121 22.01 9.60 8.02
CA THR B 121 23.46 9.77 7.84
C THR B 121 24.21 8.43 7.88
N GLU B 122 25.44 8.45 7.36
CA GLU B 122 26.34 7.31 7.47
C GLU B 122 26.63 6.97 8.95
N GLU B 123 26.92 8.02 9.75
CA GLU B 123 27.13 7.89 11.22
C GLU B 123 26.08 7.03 11.90
N GLN B 124 24.81 7.28 11.57
CA GLN B 124 23.68 6.54 12.13
C GLN B 124 23.65 5.06 11.76
N ALA B 125 23.90 4.75 10.48
CA ALA B 125 23.94 3.37 10.00
C ALA B 125 25.11 2.61 10.66
N LEU B 126 26.28 3.26 10.73
CA LEU B 126 27.43 2.67 11.39
C LEU B 126 27.11 2.33 12.85
N ASP B 127 26.45 3.27 13.53
CA ASP B 127 26.05 3.12 14.92
C ASP B 127 25.02 1.98 15.17
N ARG B 128 24.38 1.49 14.11
CA ARG B 128 23.41 0.39 14.22
C ARG B 128 23.85 -0.91 13.53
N ALA B 129 25.13 -0.99 13.17
CA ALA B 129 25.64 -2.14 12.39
C ALA B 129 26.53 -3.12 13.17
N GLY B 130 26.61 -2.95 14.49
CA GLY B 130 27.35 -3.85 15.36
C GLY B 130 28.85 -3.83 15.15
N LEU B 131 29.40 -2.71 14.71
CA LEU B 131 30.83 -2.53 14.71
C LEU B 131 31.27 -2.40 16.18
N PRO B 132 32.58 -2.48 16.44
CA PRO B 132 33.05 -2.34 17.81
C PRO B 132 32.41 -1.24 18.67
N THR B 133 32.29 -0.01 18.15
CA THR B 133 31.79 1.11 18.97
C THR B 133 30.33 1.45 18.66
N SER B 134 29.63 0.53 18.01
CA SER B 134 28.22 0.71 17.68
C SER B 134 27.33 0.59 18.92
N ALA B 135 26.31 1.43 18.99
CA ALA B 135 25.29 1.38 20.05
C ALA B 135 24.48 0.09 19.96
N GLU B 136 24.14 -0.33 18.75
CA GLU B 136 23.48 -1.62 18.58
C GLU B 136 23.81 -2.34 17.27
N ASP B 137 23.18 -3.50 17.08
CA ASP B 137 23.47 -4.40 15.97
C ASP B 137 22.19 -4.95 15.34
N LYS B 138 21.67 -4.24 14.33
CA LYS B 138 20.40 -4.63 13.70
C LYS B 138 20.40 -6.03 13.06
N GLY B 139 21.55 -6.45 12.54
CA GLY B 139 21.74 -7.79 12.00
C GLY B 139 21.53 -8.87 13.04
N ALA B 140 22.11 -8.67 14.22
CA ALA B 140 21.87 -9.56 15.35
C ALA B 140 20.39 -9.56 15.74
N GLN B 141 19.82 -8.38 15.89
CA GLN B 141 18.43 -8.21 16.32
C GLN B 141 17.45 -8.87 15.35
N ALA B 142 17.66 -8.66 14.06
CA ALA B 142 16.76 -9.23 13.07
C ALA B 142 16.83 -10.75 13.11
N THR B 143 18.03 -11.29 13.35
CA THR B 143 18.22 -12.73 13.31
C THR B 143 17.55 -13.42 14.48
N VAL B 144 17.62 -12.79 15.66
CA VAL B 144 16.93 -13.29 16.84
C VAL B 144 15.43 -13.29 16.54
N ALA B 145 14.94 -12.24 15.86
CA ALA B 145 13.54 -12.16 15.51
C ALA B 145 13.14 -13.25 14.53
N ALA B 146 13.99 -13.52 13.54
CA ALA B 146 13.70 -14.53 12.53
C ALA B 146 13.52 -15.93 13.16
N LEU B 147 14.48 -16.33 13.98
CA LEU B 147 14.47 -17.65 14.63
C LEU B 147 13.38 -17.82 15.70
N ALA B 148 13.24 -16.84 16.61
CA ALA B 148 12.18 -16.93 17.62
C ALA B 148 10.80 -17.04 16.95
N THR B 149 10.58 -16.28 15.87
CA THR B 149 9.31 -16.36 15.15
C THR B 149 9.13 -17.70 14.42
N ALA B 150 10.18 -18.18 13.76
CA ALA B 150 10.16 -19.51 13.14
C ALA B 150 9.76 -20.58 14.15
N LEU B 151 10.34 -20.53 15.34
CA LEU B 151 10.09 -21.53 16.39
C LEU B 151 8.68 -21.47 16.93
N THR B 152 8.20 -20.24 17.18
CA THR B 152 6.82 -19.98 17.56
C THR B 152 5.84 -20.57 16.56
N LEU B 153 6.08 -20.31 15.29
CA LEU B 153 5.21 -20.83 14.22
C LEU B 153 5.21 -22.35 14.17
N ARG B 154 6.38 -22.97 14.36
CA ARG B 154 6.48 -24.40 14.47
C ARG B 154 5.57 -24.93 15.58
N GLU B 155 5.63 -24.32 16.76
CA GLU B 155 4.81 -24.76 17.88
C GLU B 155 3.31 -24.52 17.63
N LEU B 156 2.98 -23.49 16.87
CA LEU B 156 1.58 -23.17 16.57
C LEU B 156 0.95 -24.13 15.57
N ARG B 157 1.69 -24.46 14.51
CA ARG B 157 1.24 -25.35 13.43
C ARG B 157 1.22 -26.84 13.84
N ALA B 158 0.83 -27.69 12.88
CA ALA B 158 0.56 -29.13 13.09
C ALA B 158 1.74 -30.01 13.53
N HIS B 159 1.55 -30.69 14.67
CA HIS B 159 2.42 -31.76 15.16
C HIS B 159 1.65 -32.70 16.10
N SER B 160 2.13 -33.92 16.27
CA SER B 160 1.37 -34.95 16.98
C SER B 160 2.16 -35.52 18.17
N ALA C 15 27.36 -13.22 -18.26
CA ALA C 15 25.97 -12.67 -18.16
C ALA C 15 25.31 -12.46 -19.52
N SER C 16 25.98 -12.93 -20.57
CA SER C 16 25.52 -12.75 -21.94
C SER C 16 24.27 -13.54 -22.31
N GLY C 17 23.84 -14.44 -21.42
CA GLY C 17 22.67 -15.29 -21.68
C GLY C 17 21.36 -14.78 -21.11
N VAL C 18 21.40 -13.70 -20.33
CA VAL C 18 20.16 -13.18 -19.75
C VAL C 18 19.30 -12.46 -20.79
N ARG C 19 17.99 -12.62 -20.69
CA ARG C 19 17.06 -11.98 -21.61
C ARG C 19 16.55 -10.71 -20.94
N LEU C 20 16.96 -9.57 -21.50
CA LEU C 20 16.76 -8.27 -20.89
C LEU C 20 15.79 -7.40 -21.66
N ALA C 21 14.83 -6.83 -20.94
CA ALA C 21 13.93 -5.81 -21.47
C ALA C 21 14.16 -4.49 -20.74
N ILE C 22 14.04 -3.38 -21.46
CA ILE C 22 14.09 -2.05 -20.86
C ILE C 22 12.83 -1.29 -21.24
N VAL C 23 12.13 -0.77 -20.25
CA VAL C 23 11.06 0.16 -20.56
C VAL C 23 11.41 1.55 -20.04
N ALA C 24 11.33 2.55 -20.91
CA ALA C 24 11.63 3.95 -20.55
C ALA C 24 10.48 4.89 -20.86
N SER C 25 10.13 5.75 -19.90
CA SER C 25 9.15 6.81 -20.20
C SER C 25 9.83 7.93 -20.99
N SER C 26 9.05 8.86 -21.54
CA SER C 26 9.60 9.87 -22.45
C SER C 26 9.47 11.29 -21.90
N TRP C 27 8.67 11.43 -20.84
CA TRP C 27 8.46 12.71 -20.15
C TRP C 27 9.81 13.19 -19.63
N HIS C 28 10.23 14.39 -20.04
CA HIS C 28 11.61 14.92 -19.85
C HIS C 28 12.58 14.16 -20.77
N GLY C 29 12.36 14.31 -22.07
CA GLY C 29 12.98 13.49 -23.10
C GLY C 29 14.48 13.38 -23.14
N LYS C 30 15.19 14.49 -22.95
CA LYS C 30 16.66 14.47 -22.96
C LYS C 30 17.21 13.60 -21.82
N ILE C 31 16.64 13.77 -20.64
CA ILE C 31 17.06 13.00 -19.47
C ILE C 31 16.74 11.51 -19.62
N CYS C 32 15.60 11.19 -20.23
CA CYS C 32 15.19 9.81 -20.46
C CYS C 32 16.09 9.06 -21.43
N ASP C 33 16.47 9.71 -22.53
CA ASP C 33 17.40 9.11 -23.49
C ASP C 33 18.78 8.78 -22.88
N ALA C 34 19.33 9.69 -22.09
CA ALA C 34 20.61 9.49 -21.39
C ALA C 34 20.59 8.30 -20.42
N LEU C 35 19.48 8.14 -19.71
CA LEU C 35 19.26 6.93 -18.91
C LEU C 35 19.30 5.69 -19.79
N LEU C 36 18.60 5.75 -20.92
CA LEU C 36 18.51 4.63 -21.85
C LEU C 36 19.87 4.28 -22.46
N ASP C 37 20.64 5.30 -22.81
CA ASP C 37 21.98 5.13 -23.35
C ASP C 37 22.91 4.45 -22.33
N GLY C 38 22.76 4.85 -21.06
CA GLY C 38 23.51 4.23 -19.95
C GLY C 38 23.19 2.76 -19.82
N ALA C 39 21.90 2.43 -19.87
CA ALA C 39 21.44 1.05 -19.81
C ALA C 39 21.95 0.26 -21.00
N ARG C 40 21.86 0.85 -22.20
CA ARG C 40 22.29 0.19 -23.43
C ARG C 40 23.78 -0.16 -23.40
N LYS C 41 24.62 0.78 -22.95
CA LYS C 41 26.09 0.60 -22.82
C LYS C 41 26.47 -0.57 -21.93
N VAL C 42 25.78 -0.69 -20.78
CA VAL C 42 26.02 -1.79 -19.82
C VAL C 42 25.59 -3.15 -20.38
N ALA C 43 24.44 -3.20 -21.04
CA ALA C 43 24.03 -4.43 -21.71
C ALA C 43 24.98 -4.80 -22.86
N ALA C 44 25.46 -3.81 -23.60
CA ALA C 44 26.39 -4.05 -24.71
C ALA C 44 27.75 -4.53 -24.19
N GLY C 45 28.29 -3.83 -23.20
CA GLY C 45 29.52 -4.21 -22.50
C GLY C 45 29.46 -5.59 -21.85
N CYS C 46 28.29 -6.00 -21.38
CA CYS C 46 28.13 -7.35 -20.82
C CYS C 46 27.80 -8.43 -21.87
N GLY C 47 27.84 -8.04 -23.14
CA GLY C 47 27.70 -8.98 -24.25
C GLY C 47 26.29 -9.49 -24.53
N LEU C 48 25.27 -8.73 -24.14
CA LEU C 48 23.90 -9.18 -24.34
C LEU C 48 23.45 -9.12 -25.81
N ASP C 49 22.55 -10.05 -26.16
CA ASP C 49 21.77 -9.97 -27.39
C ASP C 49 20.86 -8.73 -27.20
N ASP C 50 20.86 -7.83 -28.17
CA ASP C 50 20.21 -6.52 -27.98
C ASP C 50 18.89 -6.60 -27.21
N PRO C 51 18.80 -5.87 -26.10
CA PRO C 51 17.63 -5.91 -25.23
C PRO C 51 16.33 -5.46 -25.90
N THR C 52 15.21 -6.01 -25.46
CA THR C 52 13.90 -5.54 -25.85
C THR C 52 13.69 -4.15 -25.24
N VAL C 53 13.49 -3.14 -26.09
CA VAL C 53 13.36 -1.77 -25.64
C VAL C 53 12.00 -1.18 -26.04
N VAL C 54 11.28 -0.67 -25.05
CA VAL C 54 9.94 -0.14 -25.27
C VAL C 54 9.86 1.27 -24.69
N ARG C 55 9.18 2.17 -25.41
CA ARG C 55 8.98 3.52 -24.91
C ARG C 55 7.55 3.72 -24.43
N VAL C 56 7.41 4.37 -23.27
CA VAL C 56 6.10 4.81 -22.79
C VAL C 56 6.15 6.33 -22.51
N LEU C 57 5.00 6.96 -22.33
CA LEU C 57 4.94 8.42 -22.19
C LEU C 57 5.48 8.90 -20.82
N GLY C 58 4.85 8.44 -19.74
CA GLY C 58 5.23 8.86 -18.40
C GLY C 58 5.49 7.68 -17.49
N ALA C 59 5.94 7.97 -16.28
CA ALA C 59 6.22 6.93 -15.31
C ALA C 59 4.99 6.06 -14.98
N ILE C 60 3.81 6.69 -14.90
CA ILE C 60 2.54 5.99 -14.64
C ILE C 60 2.25 4.77 -15.54
N GLU C 61 2.71 4.84 -16.79
CA GLU C 61 2.50 3.75 -17.73
C GLU C 61 3.51 2.61 -17.60
N ILE C 62 4.61 2.86 -16.90
CA ILE C 62 5.67 1.87 -16.82
C ILE C 62 5.23 0.48 -16.29
N PRO C 63 4.51 0.43 -15.14
CA PRO C 63 4.19 -0.90 -14.58
C PRO C 63 3.39 -1.84 -15.47
N VAL C 64 2.39 -1.31 -16.18
CA VAL C 64 1.58 -2.18 -16.99
C VAL C 64 2.37 -2.73 -18.18
N VAL C 65 3.33 -1.96 -18.70
CA VAL C 65 4.17 -2.44 -19.80
C VAL C 65 5.27 -3.36 -19.25
N ALA C 66 5.77 -3.02 -18.07
CA ALA C 66 6.72 -3.89 -17.38
C ALA C 66 6.13 -5.30 -17.10
N GLN C 67 4.84 -5.32 -16.77
CA GLN C 67 4.12 -6.56 -16.53
C GLN C 67 4.11 -7.40 -17.82
N GLU C 68 3.91 -6.76 -18.96
CA GLU C 68 3.90 -7.49 -20.20
C GLU C 68 5.27 -8.10 -20.50
N LEU C 69 6.31 -7.26 -20.39
CA LEU C 69 7.69 -7.66 -20.67
C LEU C 69 8.22 -8.74 -19.74
N ALA C 70 7.75 -8.73 -18.50
CA ALA C 70 8.18 -9.68 -17.48
C ALA C 70 7.76 -11.11 -17.81
N ARG C 71 6.70 -11.28 -18.59
CA ARG C 71 6.31 -12.62 -19.01
C ARG C 71 7.30 -13.26 -19.99
N ASN C 72 8.25 -12.49 -20.53
CA ASN C 72 9.11 -13.02 -21.63
C ASN C 72 10.58 -12.69 -21.42
N HIS C 73 10.94 -12.30 -20.20
CA HIS C 73 12.29 -11.77 -19.92
C HIS C 73 12.77 -12.19 -18.52
N ASP C 74 14.11 -12.25 -18.35
CA ASP C 74 14.68 -12.64 -17.07
C ASP C 74 14.69 -11.44 -16.15
N ALA C 75 14.75 -10.26 -16.76
CA ALA C 75 14.80 -9.00 -16.02
C ALA C 75 14.24 -7.82 -16.84
N VAL C 76 13.63 -6.87 -16.12
CA VAL C 76 13.16 -5.63 -16.73
C VAL C 76 13.84 -4.45 -16.04
N VAL C 77 14.39 -3.55 -16.86
CA VAL C 77 14.93 -2.29 -16.36
C VAL C 77 13.87 -1.19 -16.58
N ALA C 78 13.48 -0.51 -15.51
CA ALA C 78 12.47 0.54 -15.55
C ALA C 78 13.12 1.92 -15.54
N LEU C 79 13.00 2.66 -16.63
CA LEU C 79 13.66 3.96 -16.72
C LEU C 79 12.65 5.09 -16.82
N GLY C 80 12.88 6.15 -16.05
CA GLY C 80 11.97 7.29 -16.07
C GLY C 80 12.44 8.44 -15.22
N VAL C 81 11.73 9.57 -15.31
CA VAL C 81 12.11 10.78 -14.61
C VAL C 81 10.88 11.46 -14.09
N VAL C 82 10.82 11.62 -12.77
CA VAL C 82 9.77 12.41 -12.14
C VAL C 82 10.40 13.58 -11.40
N ILE C 83 10.00 14.79 -11.76
CA ILE C 83 10.53 15.98 -11.13
C ILE C 83 9.37 16.74 -10.49
N ARG C 84 9.54 17.12 -9.23
CA ARG C 84 8.49 17.77 -8.48
C ARG C 84 8.07 19.10 -9.13
N GLY C 85 6.76 19.35 -9.15
CA GLY C 85 6.20 20.58 -9.70
C GLY C 85 5.68 21.52 -8.63
N GLN C 86 4.63 22.26 -8.95
CA GLN C 86 4.00 23.17 -8.00
C GLN C 86 3.01 22.46 -7.05
N THR C 87 2.48 21.30 -7.46
CA THR C 87 1.42 20.61 -6.71
C THR C 87 1.89 19.33 -5.99
N PRO C 88 1.02 18.72 -5.16
CA PRO C 88 1.37 17.42 -4.56
C PRO C 88 1.40 16.24 -5.55
N HIS C 89 1.12 16.48 -6.83
CA HIS C 89 1.02 15.42 -7.83
C HIS C 89 2.23 14.47 -7.88
N PHE C 90 3.42 15.07 -7.81
CA PHE C 90 4.68 14.33 -7.74
C PHE C 90 4.60 13.15 -6.77
N ASP C 91 4.18 13.41 -5.54
CA ASP C 91 4.04 12.38 -4.50
C ASP C 91 3.19 11.19 -4.94
N TYR C 92 2.05 11.48 -5.56
CA TYR C 92 1.12 10.43 -5.98
C TYR C 92 1.61 9.65 -7.20
N VAL C 93 2.19 10.38 -8.16
CA VAL C 93 2.90 9.74 -9.28
C VAL C 93 3.95 8.75 -8.78
N CYS C 94 4.84 9.21 -7.89
CA CYS C 94 5.87 8.33 -7.35
C CYS C 94 5.28 7.17 -6.52
N ASP C 95 4.17 7.43 -5.81
CA ASP C 95 3.51 6.35 -5.06
C ASP C 95 3.04 5.28 -6.03
N ALA C 96 2.32 5.68 -7.06
CA ALA C 96 1.80 4.73 -8.05
C ALA C 96 2.91 3.83 -8.61
N VAL C 97 4.03 4.43 -9.01
CA VAL C 97 5.07 3.68 -9.69
C VAL C 97 5.74 2.68 -8.72
N THR C 98 5.94 3.14 -7.49
CA THR C 98 6.45 2.33 -6.40
C THR C 98 5.54 1.11 -6.15
N GLN C 99 4.27 1.32 -5.86
CA GLN C 99 3.35 0.20 -5.66
C GLN C 99 3.31 -0.74 -6.87
N GLY C 100 3.32 -0.16 -8.06
CA GLY C 100 3.12 -0.92 -9.28
C GLY C 100 4.25 -1.86 -9.62
N LEU C 101 5.47 -1.31 -9.67
CA LEU C 101 6.65 -2.10 -10.02
C LEU C 101 6.92 -3.18 -8.96
N THR C 102 6.79 -2.80 -7.69
CA THR C 102 6.97 -3.73 -6.60
C THR C 102 6.01 -4.90 -6.81
N ARG C 103 4.73 -4.60 -7.02
CA ARG C 103 3.78 -5.62 -7.34
C ARG C 103 4.17 -6.38 -8.60
N VAL C 104 4.67 -5.71 -9.63
CA VAL C 104 4.98 -6.44 -10.87
C VAL C 104 6.13 -7.42 -10.64
N SER C 105 7.18 -6.98 -9.97
CA SER C 105 8.32 -7.86 -9.69
C SER C 105 7.89 -9.11 -8.91
N LEU C 106 7.10 -8.93 -7.86
CA LEU C 106 6.68 -10.08 -7.07
C LEU C 106 5.63 -11.00 -7.73
N ASP C 107 4.71 -10.45 -8.52
CA ASP C 107 3.74 -11.30 -9.27
C ASP C 107 4.45 -12.18 -10.27
N SER C 108 5.47 -11.63 -10.93
CA SER C 108 6.15 -12.34 -12.01
C SER C 108 7.41 -13.06 -11.52
N SER C 109 7.79 -12.84 -10.27
CA SER C 109 9.07 -13.35 -9.75
C SER C 109 10.26 -12.96 -10.63
N THR C 110 10.32 -11.69 -11.00
CA THR C 110 11.32 -11.22 -11.95
C THR C 110 11.84 -9.87 -11.45
N PRO C 111 13.16 -9.70 -11.41
CA PRO C 111 13.67 -8.37 -11.02
C PRO C 111 13.14 -7.27 -11.93
N ILE C 112 12.60 -6.23 -11.32
CA ILE C 112 12.32 -5.02 -12.04
C ILE C 112 13.25 -3.96 -11.45
N ALA C 113 14.31 -3.63 -12.18
CA ALA C 113 15.36 -2.73 -11.68
C ALA C 113 14.92 -1.27 -11.59
N ASN C 114 15.46 -0.57 -10.59
CA ASN C 114 15.09 0.83 -10.34
C ASN C 114 15.94 1.85 -11.09
N GLY C 115 15.41 2.34 -12.20
CA GLY C 115 16.04 3.42 -12.99
C GLY C 115 15.11 4.62 -13.06
N VAL C 116 14.23 4.77 -12.08
CA VAL C 116 13.32 5.89 -12.07
C VAL C 116 13.82 6.95 -11.12
N LEU C 117 14.39 8.02 -11.68
CA LEU C 117 14.79 9.14 -10.85
C LEU C 117 13.55 9.85 -10.36
N THR C 118 13.62 10.32 -9.12
CA THR C 118 12.52 11.04 -8.48
C THR C 118 13.15 12.24 -7.79
N THR C 119 13.17 13.37 -8.50
CA THR C 119 13.97 14.52 -8.05
C THR C 119 13.13 15.77 -7.74
N ASN C 120 13.73 16.69 -7.00
CA ASN C 120 13.12 17.99 -6.77
C ASN C 120 13.37 18.97 -7.91
N THR C 121 14.53 18.85 -8.54
CA THR C 121 14.90 19.78 -9.58
C THR C 121 15.37 19.02 -10.80
N GLU C 122 15.40 19.72 -11.93
CA GLU C 122 15.95 19.19 -13.16
C GLU C 122 17.45 18.97 -13.02
N GLU C 123 18.15 19.91 -12.36
CA GLU C 123 19.59 19.78 -12.13
C GLU C 123 19.96 18.44 -11.51
N GLN C 124 19.23 18.05 -10.47
CA GLN C 124 19.47 16.78 -9.77
C GLN C 124 19.27 15.55 -10.67
N ALA C 125 18.27 15.63 -11.55
CA ALA C 125 17.99 14.55 -12.49
C ALA C 125 19.15 14.41 -13.49
N LEU C 126 19.57 15.53 -14.06
CA LEU C 126 20.70 15.60 -14.99
C LEU C 126 21.96 14.98 -14.39
N ASP C 127 22.27 15.36 -13.15
CA ASP C 127 23.45 14.87 -12.42
C ASP C 127 23.44 13.36 -12.12
N ARG C 128 22.30 12.71 -12.33
CA ARG C 128 22.18 11.28 -12.07
C ARG C 128 21.91 10.49 -13.35
N ALA C 129 22.11 11.10 -14.51
CA ALA C 129 21.74 10.51 -15.80
C ALA C 129 22.90 10.06 -16.71
N GLY C 130 24.09 10.00 -16.15
CA GLY C 130 25.22 9.42 -16.86
C GLY C 130 25.72 10.22 -18.05
N LEU C 131 25.54 11.54 -18.00
CA LEU C 131 26.07 12.41 -19.03
C LEU C 131 27.53 12.71 -18.66
N PRO C 132 28.31 13.32 -19.59
CA PRO C 132 29.73 13.52 -19.26
C PRO C 132 30.00 14.15 -17.88
N THR C 133 29.34 15.25 -17.56
CA THR C 133 29.59 15.93 -16.28
C THR C 133 28.66 15.49 -15.15
N SER C 134 28.05 14.31 -15.30
CA SER C 134 27.18 13.73 -14.29
C SER C 134 27.94 13.04 -13.16
N ALA C 135 27.44 13.18 -11.93
CA ALA C 135 28.06 12.53 -10.78
C ALA C 135 27.78 11.03 -10.80
N GLU C 136 26.57 10.65 -11.20
CA GLU C 136 26.15 9.26 -11.27
C GLU C 136 25.46 8.88 -12.58
N ASP C 137 25.30 7.57 -12.79
CA ASP C 137 24.73 7.00 -14.01
C ASP C 137 23.67 5.96 -13.67
N LYS C 138 22.44 6.40 -13.42
CA LYS C 138 21.41 5.53 -12.86
C LYS C 138 20.91 4.46 -13.82
N GLY C 139 20.83 4.81 -15.11
CA GLY C 139 20.55 3.83 -16.16
C GLY C 139 21.53 2.66 -16.13
N ALA C 140 22.81 2.97 -15.92
CA ALA C 140 23.84 1.95 -15.69
C ALA C 140 23.59 1.16 -14.40
N GLN C 141 23.54 1.86 -13.28
CA GLN C 141 23.24 1.26 -11.98
C GLN C 141 22.06 0.28 -12.05
N ALA C 142 20.95 0.71 -12.66
CA ALA C 142 19.78 -0.16 -12.77
C ALA C 142 20.06 -1.42 -13.61
N THR C 143 20.81 -1.28 -14.70
CA THR C 143 21.08 -2.44 -15.54
C THR C 143 21.98 -3.48 -14.85
N VAL C 144 23.03 -3.01 -14.15
CA VAL C 144 23.86 -3.91 -13.33
C VAL C 144 22.98 -4.69 -12.34
N ALA C 145 22.10 -3.99 -11.62
CA ALA C 145 21.20 -4.63 -10.66
C ALA C 145 20.32 -5.69 -11.32
N ALA C 146 19.65 -5.31 -12.39
CA ALA C 146 18.85 -6.27 -13.17
C ALA C 146 19.66 -7.50 -13.56
N LEU C 147 20.82 -7.29 -14.20
CA LEU C 147 21.65 -8.38 -14.69
C LEU C 147 22.13 -9.29 -13.57
N ALA C 148 22.69 -8.70 -12.53
CA ALA C 148 23.23 -9.46 -11.40
C ALA C 148 22.12 -10.26 -10.70
N THR C 149 20.94 -9.66 -10.54
CA THR C 149 19.84 -10.30 -9.83
C THR C 149 19.24 -11.47 -10.64
N ALA C 150 19.12 -11.26 -11.95
CA ALA C 150 18.78 -12.33 -12.89
C ALA C 150 19.69 -13.57 -12.73
N LEU C 151 21.00 -13.34 -12.69
CA LEU C 151 21.96 -14.44 -12.56
C LEU C 151 21.88 -15.14 -11.21
N THR C 152 21.69 -14.36 -10.15
CA THR C 152 21.51 -14.89 -8.80
C THR C 152 20.29 -15.80 -8.72
N LEU C 153 19.17 -15.35 -9.27
CA LEU C 153 17.96 -16.16 -9.29
C LEU C 153 18.08 -17.44 -10.12
N ARG C 154 18.78 -17.33 -11.26
CA ARG C 154 19.11 -18.48 -12.10
C ARG C 154 19.90 -19.55 -11.29
N GLU C 155 20.85 -19.11 -10.47
CA GLU C 155 21.62 -20.01 -9.63
C GLU C 155 20.81 -20.60 -8.47
N LEU C 156 19.92 -19.79 -7.90
CA LEU C 156 19.09 -20.25 -6.80
C LEU C 156 18.09 -21.26 -7.32
N ARG C 157 17.60 -21.05 -8.53
CA ARG C 157 16.55 -21.90 -9.07
C ARG C 157 17.03 -23.29 -9.55
N ALA C 158 16.10 -24.09 -10.07
CA ALA C 158 16.36 -25.48 -10.43
C ALA C 158 17.23 -25.64 -11.67
N HIS C 159 18.26 -26.49 -11.56
CA HIS C 159 19.14 -26.82 -12.67
C HIS C 159 20.02 -28.01 -12.33
N SER C 160 20.85 -28.41 -13.30
CA SER C 160 21.94 -29.34 -13.06
C SER C 160 23.03 -28.67 -12.22
N ASP D 14 -3.14 6.68 -35.53
CA ASP D 14 -4.40 5.95 -35.89
C ASP D 14 -4.80 4.96 -34.79
N ALA D 15 -5.69 5.40 -33.90
CA ALA D 15 -6.17 4.54 -32.82
C ALA D 15 -7.60 4.06 -33.11
N SER D 16 -8.04 4.15 -34.37
CA SER D 16 -9.44 3.83 -34.68
C SER D 16 -9.90 2.46 -34.13
N GLY D 17 -8.96 1.53 -33.95
CA GLY D 17 -9.27 0.20 -33.45
C GLY D 17 -9.35 0.03 -31.94
N VAL D 18 -8.87 1.00 -31.16
CA VAL D 18 -8.83 0.82 -29.71
C VAL D 18 -10.14 1.20 -29.00
N ARG D 19 -10.48 0.36 -28.03
CA ARG D 19 -11.71 0.50 -27.29
C ARG D 19 -11.38 1.33 -26.07
N LEU D 20 -11.88 2.56 -26.07
CA LEU D 20 -11.55 3.55 -25.04
C LEU D 20 -12.71 3.84 -24.12
N ALA D 21 -12.43 3.82 -22.82
CA ALA D 21 -13.38 4.28 -21.81
C ALA D 21 -12.85 5.51 -21.05
N ILE D 22 -13.76 6.39 -20.67
CA ILE D 22 -13.44 7.54 -19.86
C ILE D 22 -14.39 7.60 -18.69
N VAL D 23 -13.83 7.63 -17.50
CA VAL D 23 -14.61 7.85 -16.30
C VAL D 23 -14.13 9.17 -15.68
N ALA D 24 -15.10 10.03 -15.36
CA ALA D 24 -14.82 11.37 -14.86
C ALA D 24 -15.71 11.68 -13.67
N SER D 25 -15.12 12.14 -12.58
CA SER D 25 -15.93 12.58 -11.43
C SER D 25 -16.57 13.94 -11.66
N SER D 26 -17.36 14.40 -10.69
CA SER D 26 -18.21 15.60 -10.85
C SER D 26 -17.96 16.61 -9.73
N TRP D 27 -17.18 16.22 -8.73
CA TRP D 27 -16.74 17.13 -7.68
C TRP D 27 -15.90 18.19 -8.36
N HIS D 28 -16.34 19.45 -8.25
CA HIS D 28 -15.83 20.59 -9.05
C HIS D 28 -16.22 20.45 -10.53
N GLY D 29 -17.50 20.62 -10.81
CA GLY D 29 -18.07 20.37 -12.14
C GLY D 29 -17.40 21.05 -13.34
N LYS D 30 -17.24 22.36 -13.29
CA LYS D 30 -16.61 23.11 -14.38
C LYS D 30 -15.23 22.53 -14.80
N ILE D 31 -14.37 22.20 -13.84
CA ILE D 31 -13.04 21.67 -14.14
C ILE D 31 -13.09 20.24 -14.74
N CYS D 32 -13.87 19.35 -14.11
CA CYS D 32 -14.11 18.00 -14.64
C CYS D 32 -14.61 18.04 -16.09
N ASP D 33 -15.61 18.89 -16.35
CA ASP D 33 -16.09 19.06 -17.71
C ASP D 33 -14.98 19.48 -18.69
N ALA D 34 -14.12 20.42 -18.29
CA ALA D 34 -12.99 20.83 -19.14
C ALA D 34 -12.02 19.68 -19.42
N LEU D 35 -11.75 18.86 -18.41
CA LEU D 35 -10.88 17.69 -18.56
C LEU D 35 -11.48 16.71 -19.54
N LEU D 36 -12.80 16.51 -19.43
CA LEU D 36 -13.52 15.58 -20.29
C LEU D 36 -13.46 16.05 -21.75
N ASP D 37 -13.54 17.36 -21.94
CA ASP D 37 -13.52 17.96 -23.25
C ASP D 37 -12.19 17.76 -23.98
N GLY D 38 -11.10 17.93 -23.24
CA GLY D 38 -9.76 17.65 -23.75
C GLY D 38 -9.58 16.21 -24.17
N ALA D 39 -10.00 15.29 -23.30
CA ALA D 39 -10.02 13.85 -23.57
C ALA D 39 -10.78 13.51 -24.87
N ARG D 40 -12.00 14.03 -24.98
CA ARG D 40 -12.85 13.76 -26.13
C ARG D 40 -12.19 14.22 -27.43
N LYS D 41 -11.50 15.36 -27.37
CA LYS D 41 -10.88 15.97 -28.55
C LYS D 41 -9.73 15.15 -29.09
N VAL D 42 -8.88 14.67 -28.18
CA VAL D 42 -7.77 13.77 -28.53
C VAL D 42 -8.35 12.49 -29.13
N ALA D 43 -9.27 11.87 -28.39
CA ALA D 43 -9.99 10.71 -28.87
C ALA D 43 -10.53 10.91 -30.31
N ALA D 44 -11.25 12.01 -30.55
CA ALA D 44 -11.80 12.28 -31.87
C ALA D 44 -10.69 12.51 -32.89
N GLY D 45 -9.61 13.14 -32.46
CA GLY D 45 -8.49 13.41 -33.35
C GLY D 45 -7.80 12.12 -33.77
N CYS D 46 -7.88 11.09 -32.93
CA CYS D 46 -7.22 9.80 -33.22
C CYS D 46 -8.15 8.78 -33.90
N GLY D 47 -9.33 9.24 -34.30
CA GLY D 47 -10.26 8.39 -35.01
C GLY D 47 -11.36 7.79 -34.17
N LEU D 48 -11.40 8.16 -32.88
CA LEU D 48 -12.41 7.62 -31.94
C LEU D 48 -13.47 8.66 -31.58
N ASP D 49 -14.56 8.68 -32.34
CA ASP D 49 -15.64 9.64 -32.11
C ASP D 49 -16.52 9.28 -30.91
N ASP D 50 -16.58 8.00 -30.56
CA ASP D 50 -17.58 7.57 -29.60
C ASP D 50 -17.05 6.68 -28.48
N PRO D 51 -16.16 7.22 -27.63
CA PRO D 51 -15.62 6.40 -26.54
C PRO D 51 -16.68 6.21 -25.45
N THR D 52 -16.54 5.19 -24.61
CA THR D 52 -17.45 5.00 -23.50
C THR D 52 -17.17 6.07 -22.44
N VAL D 53 -18.19 6.88 -22.14
CA VAL D 53 -18.04 7.91 -21.13
C VAL D 53 -19.00 7.66 -19.97
N VAL D 54 -18.48 7.67 -18.76
CA VAL D 54 -19.28 7.44 -17.56
C VAL D 54 -18.95 8.50 -16.50
N ARG D 55 -19.99 9.03 -15.84
CA ARG D 55 -19.79 10.06 -14.83
C ARG D 55 -19.97 9.48 -13.45
N VAL D 56 -19.00 9.75 -12.57
CA VAL D 56 -19.14 9.38 -11.16
C VAL D 56 -19.11 10.62 -10.26
N LEU D 57 -19.56 10.49 -9.02
CA LEU D 57 -19.64 11.64 -8.11
C LEU D 57 -18.25 12.25 -7.75
N GLY D 58 -17.40 11.47 -7.09
CA GLY D 58 -16.12 11.96 -6.62
C GLY D 58 -15.02 10.98 -6.96
N ALA D 59 -13.78 11.35 -6.65
CA ALA D 59 -12.62 10.56 -7.04
C ALA D 59 -12.58 9.18 -6.37
N ILE D 60 -13.21 9.06 -5.19
CA ILE D 60 -13.25 7.79 -4.49
C ILE D 60 -13.98 6.74 -5.31
N GLU D 61 -14.98 7.18 -6.09
CA GLU D 61 -15.83 6.31 -6.90
C GLU D 61 -15.19 5.86 -8.21
N ILE D 62 -14.06 6.46 -8.59
CA ILE D 62 -13.44 6.11 -9.88
C ILE D 62 -12.94 4.65 -9.98
N PRO D 63 -12.12 4.17 -9.01
CA PRO D 63 -11.61 2.78 -9.18
C PRO D 63 -12.66 1.68 -9.42
N VAL D 64 -13.72 1.63 -8.62
CA VAL D 64 -14.69 0.56 -8.80
C VAL D 64 -15.37 0.62 -10.18
N VAL D 65 -15.60 1.83 -10.70
CA VAL D 65 -16.16 1.98 -12.03
C VAL D 65 -15.10 1.70 -13.12
N ALA D 66 -13.87 2.12 -12.89
CA ALA D 66 -12.77 1.85 -13.81
C ALA D 66 -12.57 0.33 -13.98
N GLN D 67 -12.64 -0.41 -12.88
CA GLN D 67 -12.60 -1.87 -12.89
C GLN D 67 -13.66 -2.47 -13.84
N GLU D 68 -14.88 -1.96 -13.77
CA GLU D 68 -15.95 -2.48 -14.60
C GLU D 68 -15.64 -2.16 -16.07
N LEU D 69 -15.28 -0.91 -16.36
CA LEU D 69 -14.91 -0.50 -17.73
C LEU D 69 -13.75 -1.29 -18.33
N ALA D 70 -12.79 -1.65 -17.47
CA ALA D 70 -11.56 -2.36 -17.87
C ALA D 70 -11.84 -3.74 -18.44
N ARG D 71 -12.94 -4.36 -18.04
CA ARG D 71 -13.33 -5.67 -18.58
C ARG D 71 -13.69 -5.62 -20.05
N ASN D 72 -14.03 -4.43 -20.56
CA ASN D 72 -14.64 -4.29 -21.89
C ASN D 72 -13.86 -3.29 -22.77
N HIS D 73 -12.73 -2.78 -22.28
CA HIS D 73 -11.97 -1.74 -22.98
C HIS D 73 -10.45 -2.01 -22.96
N ASP D 74 -9.73 -1.46 -23.95
CA ASP D 74 -8.28 -1.52 -24.05
C ASP D 74 -7.57 -0.49 -23.16
N ALA D 75 -8.28 0.58 -22.81
CA ALA D 75 -7.71 1.66 -22.01
C ALA D 75 -8.82 2.45 -21.33
N VAL D 76 -8.55 2.88 -20.11
CA VAL D 76 -9.49 3.71 -19.34
C VAL D 76 -8.76 4.98 -18.94
N VAL D 77 -9.38 6.13 -19.19
CA VAL D 77 -8.84 7.40 -18.74
C VAL D 77 -9.59 7.82 -17.48
N ALA D 78 -8.84 8.11 -16.41
CA ALA D 78 -9.42 8.53 -15.13
C ALA D 78 -9.30 10.05 -15.00
N LEU D 79 -10.44 10.72 -14.95
CA LEU D 79 -10.44 12.19 -14.85
C LEU D 79 -11.13 12.56 -13.59
N GLY D 80 -10.58 13.56 -12.91
CA GLY D 80 -11.14 14.03 -11.65
C GLY D 80 -10.33 15.17 -11.08
N VAL D 81 -10.80 15.70 -9.96
CA VAL D 81 -10.19 16.88 -9.38
C VAL D 81 -10.28 16.77 -7.87
N VAL D 82 -9.12 16.68 -7.24
CA VAL D 82 -9.06 16.73 -5.79
C VAL D 82 -8.29 17.99 -5.37
N ILE D 83 -8.95 18.82 -4.59
CA ILE D 83 -8.37 20.06 -4.10
C ILE D 83 -8.35 20.04 -2.59
N ARG D 84 -7.17 20.30 -2.03
CA ARG D 84 -6.96 20.24 -0.58
C ARG D 84 -7.86 21.23 0.17
N GLY D 85 -8.54 20.74 1.21
CA GLY D 85 -9.38 21.57 2.06
C GLY D 85 -8.67 21.90 3.35
N GLN D 86 -9.45 22.03 4.42
CA GLN D 86 -8.94 22.41 5.75
C GLN D 86 -8.38 21.24 6.56
N THR D 87 -8.67 20.01 6.17
CA THR D 87 -8.31 18.81 6.94
C THR D 87 -7.36 17.85 6.17
N PRO D 88 -6.80 16.83 6.86
CA PRO D 88 -5.92 15.86 6.21
C PRO D 88 -6.65 15.00 5.19
N HIS D 89 -7.99 15.11 5.15
CA HIS D 89 -8.82 14.35 4.20
C HIS D 89 -8.27 14.23 2.77
N PHE D 90 -7.82 15.35 2.18
CA PHE D 90 -7.21 15.36 0.85
C PHE D 90 -6.15 14.26 0.66
N ASP D 91 -5.30 14.06 1.67
CA ASP D 91 -4.25 13.04 1.58
C ASP D 91 -4.82 11.62 1.46
N TYR D 92 -5.89 11.34 2.22
CA TYR D 92 -6.43 9.99 2.19
C TYR D 92 -7.20 9.72 0.92
N VAL D 93 -7.91 10.74 0.44
CA VAL D 93 -8.64 10.63 -0.83
C VAL D 93 -7.67 10.33 -1.98
N CYS D 94 -6.56 11.06 -2.02
CA CYS D 94 -5.53 10.81 -3.02
C CYS D 94 -4.85 9.44 -2.83
N ASP D 95 -4.62 9.01 -1.58
CA ASP D 95 -4.05 7.67 -1.35
C ASP D 95 -4.96 6.57 -1.91
N ALA D 96 -6.26 6.67 -1.61
CA ALA D 96 -7.25 5.73 -2.13
C ALA D 96 -7.24 5.65 -3.65
N VAL D 97 -7.32 6.80 -4.33
CA VAL D 97 -7.36 6.79 -5.80
C VAL D 97 -6.09 6.20 -6.41
N THR D 98 -4.93 6.61 -5.89
CA THR D 98 -3.63 6.07 -6.29
C THR D 98 -3.59 4.54 -6.19
N GLN D 99 -3.92 4.00 -5.01
CA GLN D 99 -3.88 2.55 -4.77
C GLN D 99 -4.88 1.78 -5.65
N GLY D 100 -6.07 2.37 -5.82
CA GLY D 100 -7.18 1.70 -6.50
C GLY D 100 -6.89 1.57 -7.97
N LEU D 101 -6.56 2.70 -8.60
CA LEU D 101 -6.24 2.73 -10.01
C LEU D 101 -5.03 1.84 -10.31
N THR D 102 -3.99 1.93 -9.49
CA THR D 102 -2.81 1.08 -9.68
C THR D 102 -3.21 -0.41 -9.61
N ARG D 103 -4.05 -0.78 -8.65
CA ARG D 103 -4.51 -2.15 -8.57
C ARG D 103 -5.32 -2.56 -9.79
N VAL D 104 -6.20 -1.66 -10.25
CA VAL D 104 -7.07 -1.95 -11.40
C VAL D 104 -6.28 -2.14 -12.70
N SER D 105 -5.28 -1.29 -12.96
CA SER D 105 -4.51 -1.40 -14.18
C SER D 105 -3.81 -2.76 -14.27
N LEU D 106 -3.27 -3.21 -13.13
CA LEU D 106 -2.47 -4.44 -13.08
C LEU D 106 -3.28 -5.75 -12.97
N ASP D 107 -4.42 -5.71 -12.28
CA ASP D 107 -5.35 -6.87 -12.23
C ASP D 107 -5.85 -7.18 -13.63
N SER D 108 -6.20 -6.12 -14.36
CA SER D 108 -6.85 -6.26 -15.65
C SER D 108 -5.87 -6.08 -16.78
N SER D 109 -4.59 -5.83 -16.46
CA SER D 109 -3.55 -5.59 -17.48
C SER D 109 -3.95 -4.58 -18.54
N THR D 110 -4.55 -3.48 -18.11
CA THR D 110 -5.12 -2.48 -19.00
C THR D 110 -4.57 -1.13 -18.55
N PRO D 111 -4.08 -0.31 -19.50
CA PRO D 111 -3.66 1.04 -19.09
C PRO D 111 -4.83 1.76 -18.43
N ILE D 112 -4.59 2.30 -17.24
CA ILE D 112 -5.53 3.23 -16.63
C ILE D 112 -4.81 4.59 -16.53
N ALA D 113 -5.07 5.48 -17.48
CA ALA D 113 -4.33 6.74 -17.56
C ALA D 113 -4.68 7.76 -16.46
N ASN D 114 -3.67 8.56 -16.08
CA ASN D 114 -3.76 9.46 -14.94
C ASN D 114 -4.18 10.86 -15.31
N GLY D 115 -5.48 11.13 -15.18
CA GLY D 115 -5.96 12.47 -15.40
C GLY D 115 -6.70 12.98 -14.18
N VAL D 116 -6.22 12.59 -13.00
CA VAL D 116 -6.79 13.03 -11.75
C VAL D 116 -5.91 14.14 -11.23
N LEU D 117 -6.42 15.36 -11.26
CA LEU D 117 -5.70 16.50 -10.67
C LEU D 117 -5.77 16.43 -9.15
N THR D 118 -4.64 16.80 -8.54
CA THR D 118 -4.45 16.72 -7.10
C THR D 118 -3.67 17.98 -6.72
N THR D 119 -4.42 19.02 -6.37
CA THR D 119 -3.88 20.36 -6.26
C THR D 119 -4.16 20.94 -4.88
N ASN D 120 -3.35 21.92 -4.49
CA ASN D 120 -3.58 22.69 -3.27
C ASN D 120 -4.69 23.73 -3.48
N THR D 121 -4.67 24.38 -4.64
CA THR D 121 -5.67 25.43 -4.92
C THR D 121 -6.51 25.17 -6.17
N GLU D 122 -7.61 25.90 -6.25
CA GLU D 122 -8.50 25.84 -7.39
C GLU D 122 -7.83 26.44 -8.61
N GLU D 123 -7.10 27.54 -8.38
CA GLU D 123 -6.31 28.23 -9.41
C GLU D 123 -5.36 27.25 -10.10
N GLN D 124 -4.70 26.41 -9.31
CA GLN D 124 -3.80 25.38 -9.83
C GLN D 124 -4.51 24.37 -10.74
N ALA D 125 -5.71 23.94 -10.33
CA ALA D 125 -6.49 22.96 -11.07
C ALA D 125 -7.00 23.52 -12.40
N LEU D 126 -7.40 24.80 -12.39
CA LEU D 126 -7.90 25.48 -13.58
C LEU D 126 -6.78 25.58 -14.63
N ASP D 127 -5.59 25.92 -14.16
CA ASP D 127 -4.39 26.04 -14.98
C ASP D 127 -3.95 24.73 -15.67
N ARG D 128 -4.36 23.59 -15.13
CA ARG D 128 -4.02 22.27 -15.68
C ARG D 128 -5.19 21.62 -16.42
N ALA D 129 -6.27 22.35 -16.65
CA ALA D 129 -7.48 21.72 -17.20
C ALA D 129 -7.87 22.04 -18.65
N GLY D 130 -6.92 22.56 -19.43
CA GLY D 130 -7.17 22.79 -20.86
C GLY D 130 -8.18 23.88 -21.18
N LEU D 131 -8.35 24.83 -20.28
CA LEU D 131 -9.21 25.97 -20.54
C LEU D 131 -8.44 26.92 -21.44
N PRO D 132 -9.14 27.90 -22.07
CA PRO D 132 -8.42 28.79 -22.98
C PRO D 132 -7.08 29.35 -22.46
N THR D 133 -7.00 29.72 -21.17
CA THR D 133 -5.76 30.33 -20.64
C THR D 133 -4.93 29.41 -19.73
N SER D 134 -5.27 28.12 -19.70
CA SER D 134 -4.54 27.09 -18.94
C SER D 134 -3.16 26.82 -19.50
N ALA D 135 -2.16 26.69 -18.63
CA ALA D 135 -0.80 26.32 -19.04
C ALA D 135 -0.75 24.94 -19.70
N GLU D 136 -1.54 23.99 -19.19
CA GLU D 136 -1.62 22.67 -19.83
C GLU D 136 -3.00 21.99 -19.76
N ASP D 137 -3.12 20.82 -20.40
CA ASP D 137 -4.40 20.13 -20.53
C ASP D 137 -4.28 18.68 -20.07
N LYS D 138 -4.60 18.46 -18.79
CA LYS D 138 -4.45 17.16 -18.17
C LYS D 138 -5.33 16.08 -18.83
N GLY D 139 -6.57 16.44 -19.15
CA GLY D 139 -7.46 15.57 -19.91
C GLY D 139 -6.86 15.11 -21.24
N ALA D 140 -6.30 16.03 -22.02
CA ALA D 140 -5.67 15.64 -23.25
C ALA D 140 -4.48 14.72 -22.99
N GLN D 141 -3.64 15.10 -22.03
CA GLN D 141 -2.45 14.33 -21.69
C GLN D 141 -2.79 12.91 -21.35
N ALA D 142 -3.75 12.72 -20.46
CA ALA D 142 -4.10 11.36 -20.01
C ALA D 142 -4.58 10.49 -21.16
N THR D 143 -5.29 11.08 -22.11
CA THR D 143 -5.85 10.31 -23.22
C THR D 143 -4.78 9.85 -24.21
N VAL D 144 -3.82 10.72 -24.50
CA VAL D 144 -2.65 10.34 -25.30
C VAL D 144 -1.91 9.18 -24.62
N ALA D 145 -1.73 9.28 -23.30
CA ALA D 145 -1.10 8.19 -22.54
C ALA D 145 -1.90 6.89 -22.65
N ALA D 146 -3.22 6.97 -22.49
CA ALA D 146 -4.06 5.77 -22.57
C ALA D 146 -3.91 5.10 -23.94
N LEU D 147 -4.09 5.90 -24.99
CA LEU D 147 -4.13 5.36 -26.35
C LEU D 147 -2.78 4.82 -26.75
N ALA D 148 -1.73 5.59 -26.48
CA ALA D 148 -0.36 5.20 -26.83
C ALA D 148 0.02 3.87 -26.14
N THR D 149 -0.35 3.74 -24.87
CA THR D 149 -0.06 2.52 -24.11
C THR D 149 -0.86 1.31 -24.62
N ALA D 150 -2.12 1.51 -24.99
CA ALA D 150 -2.93 0.45 -25.62
C ALA D 150 -2.28 -0.08 -26.91
N LEU D 151 -1.82 0.84 -27.75
CA LEU D 151 -1.19 0.47 -29.00
C LEU D 151 0.12 -0.31 -28.81
N THR D 152 0.93 0.12 -27.84
CA THR D 152 2.17 -0.56 -27.51
C THR D 152 1.88 -1.97 -27.04
N LEU D 153 0.95 -2.12 -26.09
CA LEU D 153 0.57 -3.43 -25.61
C LEU D 153 0.05 -4.33 -26.74
N ARG D 154 -0.64 -3.74 -27.71
CA ARG D 154 -1.10 -4.41 -28.92
C ARG D 154 0.08 -5.00 -29.72
N GLU D 155 1.13 -4.22 -29.94
CA GLU D 155 2.30 -4.72 -30.64
C GLU D 155 3.09 -5.72 -29.82
N LEU D 156 3.09 -5.56 -28.51
CA LEU D 156 3.87 -6.46 -27.67
C LEU D 156 3.24 -7.84 -27.57
N ARG D 157 1.90 -7.90 -27.60
CA ARG D 157 1.15 -9.14 -27.38
C ARG D 157 0.97 -9.98 -28.67
N ALA D 158 0.29 -11.11 -28.52
CA ALA D 158 0.16 -12.13 -29.58
C ALA D 158 -0.62 -11.69 -30.80
N HIS D 159 0.03 -11.75 -31.96
CA HIS D 159 -0.58 -11.44 -33.27
C HIS D 159 0.20 -12.14 -34.38
N SER D 160 -0.36 -12.15 -35.59
CA SER D 160 0.29 -12.79 -36.76
C SER D 160 0.61 -11.81 -37.89
N ALA E 15 -33.98 4.78 -6.71
CA ALA E 15 -33.04 3.84 -6.03
C ALA E 15 -33.75 2.79 -5.17
N SER E 16 -35.08 2.75 -5.22
CA SER E 16 -35.84 1.83 -4.38
C SER E 16 -35.41 0.33 -4.46
N GLY E 17 -34.78 -0.08 -5.56
CA GLY E 17 -34.34 -1.47 -5.71
C GLY E 17 -32.96 -1.78 -5.16
N VAL E 18 -32.17 -0.77 -4.81
CA VAL E 18 -30.81 -1.05 -4.38
C VAL E 18 -30.75 -1.59 -2.95
N ARG E 19 -29.90 -2.59 -2.76
CA ARG E 19 -29.65 -3.19 -1.46
C ARG E 19 -28.51 -2.41 -0.79
N LEU E 20 -28.86 -1.57 0.18
CA LEU E 20 -27.92 -0.66 0.83
C LEU E 20 -27.53 -1.09 2.23
N ALA E 21 -26.24 -1.01 2.50
CA ALA E 21 -25.70 -1.29 3.83
C ALA E 21 -24.97 -0.07 4.40
N ILE E 22 -25.12 0.13 5.70
CA ILE E 22 -24.42 1.18 6.42
C ILE E 22 -23.70 0.60 7.63
N VAL E 23 -22.38 0.80 7.68
CA VAL E 23 -21.60 0.47 8.86
C VAL E 23 -21.07 1.76 9.48
N ALA E 24 -21.40 2.01 10.73
CA ALA E 24 -21.03 3.26 11.39
C ALA E 24 -20.25 2.94 12.67
N SER E 25 -19.08 3.56 12.85
CA SER E 25 -18.37 3.34 14.12
C SER E 25 -18.96 4.17 15.28
N SER E 26 -18.37 4.08 16.46
CA SER E 26 -18.98 4.66 17.67
C SER E 26 -18.01 5.53 18.46
N TRP E 27 -16.73 5.45 18.12
CA TRP E 27 -15.73 6.35 18.66
C TRP E 27 -16.15 7.78 18.32
N HIS E 28 -16.34 8.61 19.34
CA HIS E 28 -16.98 9.96 19.23
C HIS E 28 -18.48 9.85 18.92
N GLY E 29 -19.25 9.42 19.90
CA GLY E 29 -20.64 9.00 19.72
C GLY E 29 -21.62 9.98 19.09
N LYS E 30 -21.63 11.22 19.58
CA LYS E 30 -22.50 12.25 19.06
C LYS E 30 -22.27 12.50 17.56
N ILE E 31 -21.01 12.64 17.14
CA ILE E 31 -20.70 12.90 15.74
C ILE E 31 -21.10 11.71 14.84
N CYS E 32 -20.80 10.48 15.29
CA CYS E 32 -21.16 9.27 14.55
C CYS E 32 -22.68 9.10 14.35
N ASP E 33 -23.45 9.33 15.40
CA ASP E 33 -24.92 9.32 15.31
C ASP E 33 -25.44 10.32 14.28
N ALA E 34 -24.80 11.50 14.24
CA ALA E 34 -25.16 12.55 13.28
C ALA E 34 -24.94 12.11 11.84
N LEU E 35 -23.80 11.48 11.58
CA LEU E 35 -23.49 10.97 10.25
C LEU E 35 -24.53 9.95 9.83
N LEU E 36 -24.83 9.02 10.74
CA LEU E 36 -25.83 7.96 10.53
C LEU E 36 -27.22 8.53 10.28
N ASP E 37 -27.60 9.52 11.06
CA ASP E 37 -28.88 10.18 10.88
C ASP E 37 -29.02 10.76 9.47
N GLY E 38 -27.94 11.35 8.98
CA GLY E 38 -27.89 11.89 7.62
C GLY E 38 -28.00 10.85 6.51
N ALA E 39 -27.25 9.77 6.65
CA ALA E 39 -27.30 8.65 5.72
C ALA E 39 -28.73 8.03 5.66
N ARG E 40 -29.33 7.78 6.82
CA ARG E 40 -30.66 7.18 6.91
C ARG E 40 -31.72 8.03 6.22
N LYS E 41 -31.60 9.35 6.38
CA LYS E 41 -32.56 10.28 5.81
C LYS E 41 -32.47 10.33 4.28
N VAL E 42 -31.25 10.39 3.76
CA VAL E 42 -31.03 10.24 2.32
C VAL E 42 -31.58 8.89 1.80
N ALA E 43 -31.24 7.80 2.49
CA ALA E 43 -31.77 6.48 2.15
C ALA E 43 -33.30 6.49 2.09
N ALA E 44 -33.94 6.96 3.15
CA ALA E 44 -35.40 7.02 3.21
C ALA E 44 -35.98 7.89 2.09
N GLY E 45 -35.35 9.04 1.85
CA GLY E 45 -35.82 9.95 0.82
C GLY E 45 -35.74 9.37 -0.58
N CYS E 46 -34.90 8.35 -0.75
CA CYS E 46 -34.72 7.65 -2.03
C CYS E 46 -35.55 6.38 -2.15
N GLY E 47 -36.46 6.16 -1.20
CA GLY E 47 -37.34 4.99 -1.24
C GLY E 47 -36.84 3.76 -0.49
N LEU E 48 -35.72 3.91 0.22
CA LEU E 48 -35.15 2.83 1.07
C LEU E 48 -35.39 3.07 2.57
N ASP E 49 -36.43 2.45 3.12
CA ASP E 49 -36.76 2.71 4.53
C ASP E 49 -35.99 1.81 5.51
N ASP E 50 -35.35 0.76 4.97
CA ASP E 50 -34.75 -0.26 5.82
C ASP E 50 -33.38 -0.81 5.35
N PRO E 51 -32.38 0.08 5.20
CA PRO E 51 -31.04 -0.42 4.91
C PRO E 51 -30.49 -1.26 6.07
N THR E 52 -29.52 -2.12 5.79
CA THR E 52 -28.77 -2.83 6.81
C THR E 52 -27.85 -1.85 7.56
N VAL E 53 -28.10 -1.66 8.85
CA VAL E 53 -27.29 -0.76 9.67
C VAL E 53 -26.55 -1.55 10.75
N VAL E 54 -25.23 -1.43 10.75
CA VAL E 54 -24.37 -2.14 11.70
C VAL E 54 -23.46 -1.14 12.44
N ARG E 55 -23.37 -1.27 13.76
CA ARG E 55 -22.45 -0.46 14.55
C ARG E 55 -21.16 -1.22 14.89
N VAL E 56 -20.02 -0.56 14.68
CA VAL E 56 -18.74 -1.04 15.19
C VAL E 56 -18.12 -0.02 16.16
N LEU E 57 -17.08 -0.39 16.91
CA LEU E 57 -16.48 0.51 17.90
C LEU E 57 -15.64 1.66 17.27
N GLY E 58 -14.60 1.31 16.50
CA GLY E 58 -13.74 2.30 15.89
C GLY E 58 -13.58 2.10 14.39
N ALA E 59 -12.91 3.04 13.76
CA ALA E 59 -12.73 3.03 12.33
C ALA E 59 -11.94 1.80 11.84
N ILE E 60 -10.99 1.33 12.64
CA ILE E 60 -10.22 0.12 12.32
C ILE E 60 -11.11 -1.11 12.06
N GLU E 61 -12.28 -1.14 12.69
CA GLU E 61 -13.19 -2.26 12.58
C GLU E 61 -14.11 -2.20 11.35
N ILE E 62 -14.11 -1.07 10.66
CA ILE E 62 -15.06 -0.93 9.55
C ILE E 62 -14.79 -1.89 8.38
N PRO E 63 -13.53 -1.97 7.90
CA PRO E 63 -13.31 -2.76 6.67
C PRO E 63 -13.75 -4.19 6.81
N VAL E 64 -13.42 -4.86 7.90
CA VAL E 64 -13.84 -6.26 8.03
C VAL E 64 -15.39 -6.44 8.03
N VAL E 65 -16.12 -5.49 8.60
CA VAL E 65 -17.58 -5.55 8.62
C VAL E 65 -18.12 -5.15 7.25
N ALA E 66 -17.47 -4.18 6.61
CA ALA E 66 -17.85 -3.80 5.23
C ALA E 66 -17.69 -5.00 4.30
N GLN E 67 -16.64 -5.78 4.50
CA GLN E 67 -16.36 -6.93 3.66
C GLN E 67 -17.52 -7.93 3.73
N GLU E 68 -18.03 -8.16 4.94
CA GLU E 68 -19.13 -9.08 5.14
C GLU E 68 -20.40 -8.51 4.48
N LEU E 69 -20.64 -7.20 4.66
CA LEU E 69 -21.86 -6.55 4.17
C LEU E 69 -21.92 -6.52 2.64
N ALA E 70 -20.74 -6.36 2.02
CA ALA E 70 -20.62 -6.27 0.57
C ALA E 70 -20.96 -7.57 -0.12
N ARG E 71 -20.95 -8.70 0.59
CA ARG E 71 -21.32 -9.96 -0.03
C ARG E 71 -22.76 -9.95 -0.48
N ASN E 72 -23.61 -9.16 0.18
CA ASN E 72 -25.03 -9.19 -0.21
C ASN E 72 -25.75 -7.84 -0.23
N HIS E 73 -25.01 -6.78 -0.51
CA HIS E 73 -25.56 -5.47 -0.74
C HIS E 73 -24.93 -4.88 -2.01
N ASP E 74 -25.61 -3.93 -2.65
CA ASP E 74 -25.09 -3.28 -3.85
C ASP E 74 -24.13 -2.16 -3.51
N ALA E 75 -24.16 -1.72 -2.24
CA ALA E 75 -23.37 -0.59 -1.80
C ALA E 75 -23.28 -0.58 -0.28
N VAL E 76 -22.11 -0.19 0.20
CA VAL E 76 -21.88 -0.05 1.62
C VAL E 76 -21.44 1.40 1.87
N VAL E 77 -22.05 2.06 2.86
CA VAL E 77 -21.63 3.40 3.27
C VAL E 77 -20.80 3.23 4.54
N ALA E 78 -19.59 3.76 4.52
CA ALA E 78 -18.70 3.66 5.67
C ALA E 78 -18.73 4.98 6.43
N LEU E 79 -19.16 4.93 7.69
CA LEU E 79 -19.26 6.12 8.52
C LEU E 79 -18.40 5.99 9.76
N GLY E 80 -17.69 7.06 10.09
CA GLY E 80 -16.81 7.08 11.25
C GLY E 80 -16.11 8.40 11.40
N VAL E 81 -15.39 8.55 12.50
CA VAL E 81 -14.78 9.82 12.88
C VAL E 81 -13.41 9.51 13.45
N VAL E 82 -12.38 9.92 12.74
CA VAL E 82 -11.02 9.87 13.27
C VAL E 82 -10.54 11.32 13.47
N ILE E 83 -10.15 11.63 14.71
CA ILE E 83 -9.69 12.96 15.06
C ILE E 83 -8.28 12.86 15.65
N ARG E 84 -7.34 13.64 15.10
CA ARG E 84 -5.93 13.57 15.50
C ARG E 84 -5.72 13.80 17.01
N GLY E 85 -4.96 12.91 17.63
CA GLY E 85 -4.52 13.08 19.00
C GLY E 85 -3.13 13.69 19.08
N GLN E 86 -2.36 13.21 20.05
CA GLN E 86 -1.04 13.73 20.37
C GLN E 86 0.10 12.93 19.75
N THR E 87 -0.21 11.79 19.15
CA THR E 87 0.82 10.89 18.59
C THR E 87 0.62 10.72 17.08
N PRO E 88 1.60 10.09 16.38
CA PRO E 88 1.38 9.73 14.96
C PRO E 88 0.22 8.73 14.70
N HIS E 89 -0.38 8.19 15.78
CA HIS E 89 -1.37 7.13 15.64
C HIS E 89 -2.47 7.43 14.65
N PHE E 90 -2.93 8.68 14.67
CA PHE E 90 -3.91 9.16 13.69
C PHE E 90 -3.50 8.79 12.26
N ASP E 91 -2.24 9.02 11.88
CA ASP E 91 -1.82 8.70 10.51
C ASP E 91 -2.05 7.22 10.17
N TYR E 92 -1.74 6.33 11.10
CA TYR E 92 -1.82 4.89 10.85
C TYR E 92 -3.26 4.34 10.86
N VAL E 93 -4.10 4.87 11.74
CA VAL E 93 -5.53 4.56 11.69
C VAL E 93 -6.11 4.92 10.33
N CYS E 94 -5.82 6.13 9.83
CA CYS E 94 -6.34 6.53 8.53
C CYS E 94 -5.72 5.75 7.34
N ASP E 95 -4.42 5.43 7.40
CA ASP E 95 -3.83 4.52 6.40
C ASP E 95 -4.57 3.17 6.36
N ALA E 96 -4.83 2.57 7.52
CA ALA E 96 -5.46 1.25 7.59
C ALA E 96 -6.86 1.27 6.98
N VAL E 97 -7.66 2.26 7.34
CA VAL E 97 -9.01 2.40 6.82
C VAL E 97 -9.01 2.67 5.32
N THR E 98 -8.14 3.57 4.87
CA THR E 98 -7.95 3.85 3.45
C THR E 98 -7.63 2.58 2.66
N GLN E 99 -6.62 1.82 3.10
CA GLN E 99 -6.21 0.58 2.42
C GLN E 99 -7.30 -0.49 2.42
N GLY E 100 -8.03 -0.59 3.53
CA GLY E 100 -9.00 -1.65 3.73
C GLY E 100 -10.23 -1.45 2.87
N LEU E 101 -10.83 -0.26 2.97
CA LEU E 101 -12.01 0.08 2.17
C LEU E 101 -11.71 -0.05 0.68
N THR E 102 -10.57 0.51 0.24
CA THR E 102 -10.17 0.41 -1.15
C THR E 102 -10.07 -1.06 -1.59
N ARG E 103 -9.45 -1.90 -0.77
CA ARG E 103 -9.35 -3.30 -1.11
C ARG E 103 -10.72 -3.97 -1.11
N VAL E 104 -11.54 -3.68 -0.10
CA VAL E 104 -12.91 -4.25 -0.02
C VAL E 104 -13.76 -3.91 -1.26
N SER E 105 -13.76 -2.65 -1.68
CA SER E 105 -14.57 -2.26 -2.82
C SER E 105 -14.16 -3.01 -4.07
N LEU E 106 -12.86 -3.18 -4.26
CA LEU E 106 -12.34 -3.85 -5.47
C LEU E 106 -12.45 -5.39 -5.43
N ASP E 107 -12.27 -5.98 -4.25
CA ASP E 107 -12.46 -7.42 -4.08
C ASP E 107 -13.89 -7.80 -4.38
N SER E 108 -14.83 -6.93 -4.05
CA SER E 108 -16.23 -7.28 -4.13
C SER E 108 -16.91 -6.63 -5.32
N SER E 109 -16.18 -5.76 -6.04
CA SER E 109 -16.77 -4.94 -7.14
C SER E 109 -18.06 -4.22 -6.69
N THR E 110 -17.99 -3.54 -5.56
CA THR E 110 -19.12 -2.92 -4.89
C THR E 110 -18.63 -1.59 -4.36
N PRO E 111 -19.37 -0.51 -4.61
CA PRO E 111 -18.98 0.78 -4.03
C PRO E 111 -18.98 0.82 -2.49
N ILE E 112 -17.85 1.20 -1.92
CA ILE E 112 -17.79 1.51 -0.50
C ILE E 112 -17.61 3.03 -0.36
N ALA E 113 -18.69 3.71 -0.03
CA ALA E 113 -18.68 5.17 0.03
C ALA E 113 -17.93 5.71 1.25
N ASN E 114 -17.29 6.86 1.06
CA ASN E 114 -16.45 7.45 2.10
C ASN E 114 -17.20 8.46 2.98
N GLY E 115 -17.63 8.02 4.16
CA GLY E 115 -18.22 8.92 5.15
C GLY E 115 -17.45 8.88 6.45
N VAL E 116 -16.13 8.66 6.32
CA VAL E 116 -15.25 8.54 7.47
C VAL E 116 -14.48 9.82 7.57
N LEU E 117 -14.97 10.74 8.40
CA LEU E 117 -14.23 11.96 8.72
C LEU E 117 -12.81 11.70 9.28
N THR E 118 -11.87 12.50 8.81
CA THR E 118 -10.48 12.47 9.28
C THR E 118 -10.04 13.89 9.51
N THR E 119 -10.09 14.33 10.76
CA THR E 119 -9.90 15.75 11.06
C THR E 119 -8.76 15.99 12.07
N ASN E 120 -8.25 17.22 12.10
CA ASN E 120 -7.32 17.63 13.13
C ASN E 120 -8.05 17.98 14.41
N THR E 121 -9.27 18.50 14.29
CA THR E 121 -10.02 18.95 15.46
C THR E 121 -11.45 18.44 15.53
N GLU E 122 -11.98 18.47 16.74
CA GLU E 122 -13.35 18.10 17.03
C GLU E 122 -14.35 19.04 16.36
N GLU E 123 -14.09 20.35 16.36
CA GLU E 123 -15.03 21.27 15.73
C GLU E 123 -15.15 21.05 14.22
N GLN E 124 -14.02 20.69 13.59
CA GLN E 124 -14.01 20.36 12.16
C GLN E 124 -14.90 19.15 11.85
N ALA E 125 -14.92 18.17 12.74
CA ALA E 125 -15.71 16.97 12.55
C ALA E 125 -17.18 17.34 12.70
N LEU E 126 -17.49 18.11 13.76
CA LEU E 126 -18.83 18.62 14.00
C LEU E 126 -19.32 19.40 12.79
N ASP E 127 -18.43 20.23 12.21
CA ASP E 127 -18.76 21.01 11.03
C ASP E 127 -19.15 20.21 9.77
N ARG E 128 -18.78 18.93 9.75
CA ARG E 128 -18.97 18.08 8.58
C ARG E 128 -19.98 16.95 8.85
N ALA E 129 -20.64 17.00 10.02
CA ALA E 129 -21.52 15.92 10.47
C ALA E 129 -23.03 16.18 10.27
N GLY E 130 -23.38 17.35 9.75
CA GLY E 130 -24.76 17.67 9.42
C GLY E 130 -25.65 18.04 10.60
N LEU E 131 -25.05 18.54 11.67
CA LEU E 131 -25.80 19.06 12.79
C LEU E 131 -26.39 20.40 12.35
N PRO E 132 -27.39 20.93 13.09
CA PRO E 132 -28.09 22.14 12.63
C PRO E 132 -27.19 23.26 12.06
N THR E 133 -26.08 23.56 12.73
CA THR E 133 -25.16 24.62 12.30
C THR E 133 -23.90 24.17 11.53
N SER E 134 -23.88 22.92 11.07
CA SER E 134 -22.72 22.39 10.33
C SER E 134 -22.72 22.91 8.89
N ALA E 135 -21.53 23.17 8.34
CA ALA E 135 -21.39 23.59 6.94
C ALA E 135 -21.80 22.51 5.93
N GLU E 136 -21.64 21.23 6.31
CA GLU E 136 -22.02 20.13 5.42
C GLU E 136 -22.34 18.82 6.14
N ASP E 137 -22.83 17.83 5.38
CA ASP E 137 -23.19 16.53 5.93
C ASP E 137 -22.62 15.36 5.16
N LYS E 138 -21.56 14.80 5.73
CA LYS E 138 -20.85 13.70 5.11
C LYS E 138 -21.63 12.39 4.99
N GLY E 139 -22.42 12.06 6.02
CA GLY E 139 -23.28 10.89 5.97
C GLY E 139 -24.20 10.94 4.77
N ALA E 140 -24.86 12.08 4.60
CA ALA E 140 -25.71 12.33 3.44
C ALA E 140 -24.90 12.22 2.13
N GLN E 141 -23.75 12.89 2.08
CA GLN E 141 -22.92 12.92 0.89
C GLN E 141 -22.44 11.54 0.50
N ALA E 142 -22.04 10.74 1.49
CA ALA E 142 -21.58 9.36 1.24
C ALA E 142 -22.72 8.45 0.78
N THR E 143 -23.93 8.64 1.31
CA THR E 143 -25.06 7.81 0.87
C THR E 143 -25.44 8.11 -0.59
N VAL E 144 -25.48 9.39 -0.95
CA VAL E 144 -25.67 9.78 -2.34
C VAL E 144 -24.64 9.09 -3.26
N ALA E 145 -23.36 9.16 -2.88
CA ALA E 145 -22.29 8.53 -3.64
C ALA E 145 -22.52 7.04 -3.83
N ALA E 146 -22.77 6.33 -2.72
CA ALA E 146 -23.07 4.89 -2.73
C ALA E 146 -24.22 4.53 -3.67
N LEU E 147 -25.30 5.30 -3.59
CA LEU E 147 -26.48 5.01 -4.36
C LEU E 147 -26.29 5.35 -5.84
N ALA E 148 -25.74 6.53 -6.13
CA ALA E 148 -25.44 6.89 -7.52
C ALA E 148 -24.51 5.83 -8.15
N THR E 149 -23.41 5.50 -7.48
CA THR E 149 -22.48 4.54 -8.03
C THR E 149 -23.09 3.16 -8.22
N ALA E 150 -23.89 2.70 -7.27
CA ALA E 150 -24.65 1.45 -7.46
C ALA E 150 -25.54 1.47 -8.72
N LEU E 151 -26.26 2.57 -8.95
CA LEU E 151 -27.13 2.72 -10.12
C LEU E 151 -26.37 2.75 -11.48
N THR E 152 -25.24 3.45 -11.48
CA THR E 152 -24.31 3.44 -12.60
C THR E 152 -23.80 2.02 -12.93
N LEU E 153 -23.34 1.30 -11.91
CA LEU E 153 -22.84 -0.08 -12.10
C LEU E 153 -23.91 -1.03 -12.64
N ARG E 154 -25.11 -0.91 -12.06
CA ARG E 154 -26.26 -1.69 -12.51
C ARG E 154 -26.56 -1.44 -13.99
N GLU E 155 -26.44 -0.19 -14.40
CA GLU E 155 -26.68 0.18 -15.79
C GLU E 155 -25.55 -0.32 -16.70
N LEU E 156 -24.32 -0.36 -16.22
CA LEU E 156 -23.21 -0.79 -17.04
C LEU E 156 -23.24 -2.31 -17.22
N ARG E 157 -23.72 -3.03 -16.21
CA ARG E 157 -23.71 -4.48 -16.18
C ARG E 157 -24.87 -5.11 -16.98
N ALA E 158 -24.97 -6.44 -16.89
CA ALA E 158 -25.81 -7.28 -17.78
C ALA E 158 -27.34 -7.14 -17.70
N HIS E 159 -27.93 -6.81 -18.85
CA HIS E 159 -29.39 -6.79 -19.07
C HIS E 159 -29.56 -6.67 -20.60
N SER E 160 -30.68 -7.09 -21.18
CA SER E 160 -31.76 -7.85 -20.58
C SER E 160 -32.23 -8.87 -21.61
#